data_7FCI
#
_entry.id   7FCI
#
_cell.length_a   1.00
_cell.length_b   1.00
_cell.length_c   1.00
_cell.angle_alpha   90.00
_cell.angle_beta   90.00
_cell.angle_gamma   90.00
#
_symmetry.space_group_name_H-M   'P 1'
#
loop_
_entity.id
_entity.type
_entity.pdbx_description
1 polymer 'Sodium/bile acid cotransporter'
2 polymer 'Fab Light chain'
3 polymer 'Fab Heavy chain'
#
loop_
_entity_poly.entity_id
_entity_poly.type
_entity_poly.pdbx_seq_one_letter_code
_entity_poly.pdbx_strand_id
1 'polypeptide(L)'
;GPGAPMEAHNASAPFNFTLPPNFGKRPTDLALSVILVFMLFFIMLSLGCTMEFSKIKAHLWKPKGLAIALVAQYGIMPLT
AFVLGKVFRLKNIEALAILVCGCSPGGNLSNVFSLAMKGDMNLSIVMTTCSTFCALGMMPLLLYIYSRGIYDGDLKDKVP
YKGIVISLVLVLIPCTIGIVLKSKRPQYMRYVIKGGMIIILLCSVAVTVLSAINVGKSIMFAMTPLLIATSSLMPFIGFL
LGYVLSALFCLNGRCRRTVSMETGCQNVQLCSTILNVAFPPEVIGPLFFFPLLYMIFQLGEGLLLIAIFWCYEKFKTPKD
KTKMIYTAATTEETIPGALGNGTYKGEDCSPCTA
;
A
2 'polypeptide(L)'
;DIVMTQSPAIMSASPGQKVTITCSASSSVNYMHWYQQKLGSSPKLWIYDTSKLALGVPARFSGSGSGTSYSLTISSMEAE
DAASYFCHQWSSYPRTFGGGTKLEIKRADAAPTVSIFPPSSEQLTSGGASVVCFLNNFYPKDINVKWKIDGSERQNGVLN
SWTDQDSKDSTYSMSSTLTLTKDEYERHNSYTCEATHKTSTSPIVKSFNRNEC
;
L
3 'polypeptide(L)'
;EVQLQQPGAELVKPGASVKLSCKTSGYTFTNYWMKWVKQRPGQGLEWIGEINPSNGGTNYNGKFKSKASLTVDKSSSTAY
MQLSSLTSEDSAVYYCTILVYDAYYVFAMDYWGLGTSVTVSSAKTTPPSVYPLAPGSAAQTNSMVTLGCLVKGYFPEPVT
VTWNSGSLSSGVHTFPAVLQSDLYTLSSSVTVPSSTWPSETVTCNVAHPASSTKVDKKIVPRDCGCKPCICTVPEVSSVF
IFPPKPKDVLTITLT
;
H
#
# COMPACT_ATOMS: atom_id res chain seq x y z
N LEU A 19 9.86 -16.38 5.63
CA LEU A 19 9.35 -16.40 4.26
C LEU A 19 8.53 -17.67 3.94
N PRO A 20 8.98 -18.85 4.35
CA PRO A 20 8.17 -20.07 4.14
C PRO A 20 6.84 -20.02 4.88
N PRO A 21 6.83 -19.79 6.21
CA PRO A 21 5.55 -19.97 6.93
C PRO A 21 4.45 -19.02 6.51
N ASN A 22 4.70 -17.71 6.57
CA ASN A 22 3.77 -16.67 6.13
C ASN A 22 2.52 -16.58 7.01
N PHE A 23 2.40 -17.46 8.01
CA PHE A 23 1.23 -17.50 8.86
C PHE A 23 1.53 -18.38 10.06
N GLY A 24 0.48 -18.71 10.82
CA GLY A 24 0.62 -19.62 11.94
C GLY A 24 0.14 -19.09 13.28
N LYS A 25 -0.79 -18.13 13.26
CA LYS A 25 -1.39 -17.58 14.47
C LYS A 25 -2.62 -18.34 14.92
N ARG A 26 -2.99 -19.41 14.20
CA ARG A 26 -4.18 -20.18 14.55
C ARG A 26 -4.18 -20.81 15.94
N PRO A 27 -3.09 -21.41 16.45
CA PRO A 27 -3.22 -22.26 17.65
C PRO A 27 -3.89 -21.60 18.85
N THR A 28 -3.64 -20.32 19.11
CA THR A 28 -4.24 -19.68 20.28
C THR A 28 -5.62 -19.11 19.98
N ASP A 29 -5.84 -18.58 18.76
CA ASP A 29 -7.12 -17.98 18.43
C ASP A 29 -8.25 -19.01 18.45
N LEU A 30 -8.02 -20.18 17.85
CA LEU A 30 -9.04 -21.23 17.84
C LEU A 30 -9.31 -21.74 19.25
N ALA A 31 -8.26 -21.90 20.06
CA ALA A 31 -8.45 -22.33 21.44
C ALA A 31 -9.27 -21.32 22.23
N LEU A 32 -8.97 -20.03 22.06
CA LEU A 32 -9.75 -19.00 22.73
C LEU A 32 -11.20 -19.01 22.27
N SER A 33 -11.42 -19.19 20.96
CA SER A 33 -12.79 -19.23 20.45
C SER A 33 -13.58 -20.39 21.04
N VAL A 34 -12.98 -21.59 21.07
CA VAL A 34 -13.69 -22.76 21.59
C VAL A 34 -13.92 -22.63 23.10
N ILE A 35 -12.96 -22.06 23.81
CA ILE A 35 -13.13 -21.88 25.26
C ILE A 35 -14.23 -20.87 25.54
N LEU A 36 -14.29 -19.79 24.75
CA LEU A 36 -15.36 -18.81 24.92
C LEU A 36 -16.72 -19.39 24.57
N VAL A 37 -16.76 -20.26 23.56
CA VAL A 37 -18.03 -20.92 23.22
C VAL A 37 -18.49 -21.82 24.36
N PHE A 38 -17.56 -22.58 24.94
CA PHE A 38 -17.93 -23.41 26.10
C PHE A 38 -18.37 -22.55 27.28
N MET A 39 -17.66 -21.44 27.53
CA MET A 39 -18.10 -20.48 28.53
C MET A 39 -19.54 -20.04 28.29
N LEU A 40 -19.85 -19.62 27.07
CA LEU A 40 -21.19 -19.10 26.81
C LEU A 40 -22.24 -20.18 26.99
N PHE A 41 -21.96 -21.39 26.51
CA PHE A 41 -22.92 -22.48 26.66
C PHE A 41 -23.20 -22.76 28.13
N PHE A 42 -22.15 -22.86 28.93
CA PHE A 42 -22.35 -23.24 30.33
C PHE A 42 -22.88 -22.09 31.18
N ILE A 43 -22.55 -20.83 30.82
CA ILE A 43 -23.15 -19.70 31.51
C ILE A 43 -24.64 -19.63 31.23
N MET A 44 -25.04 -19.84 29.97
CA MET A 44 -26.47 -19.90 29.66
C MET A 44 -27.15 -21.07 30.38
N LEU A 45 -26.46 -22.21 30.47
CA LEU A 45 -27.00 -23.34 31.21
C LEU A 45 -27.25 -22.97 32.68
N SER A 46 -26.24 -22.38 33.33
CA SER A 46 -26.37 -22.04 34.74
C SER A 46 -27.36 -20.89 34.98
N LEU A 47 -27.58 -20.04 33.99
CA LEU A 47 -28.48 -18.89 34.14
C LEU A 47 -29.91 -19.21 33.75
N GLY A 48 -30.14 -20.26 32.97
CA GLY A 48 -31.49 -20.60 32.56
C GLY A 48 -32.35 -21.20 33.64
N CYS A 49 -31.80 -21.45 34.82
CA CYS A 49 -32.56 -21.93 35.97
C CYS A 49 -33.02 -20.79 36.87
N THR A 50 -32.79 -19.54 36.47
CA THR A 50 -33.14 -18.38 37.29
C THR A 50 -34.33 -17.61 36.71
N MET A 51 -34.92 -18.08 35.62
CA MET A 51 -36.09 -17.42 35.04
C MET A 51 -37.19 -18.44 34.82
N GLU A 52 -38.41 -17.93 34.68
CA GLU A 52 -39.59 -18.74 34.45
C GLU A 52 -40.23 -18.33 33.13
N PHE A 53 -40.79 -19.32 32.41
CA PHE A 53 -41.37 -19.05 31.10
C PHE A 53 -42.52 -18.06 31.23
N SER A 54 -43.36 -18.22 32.25
CA SER A 54 -44.52 -17.34 32.43
C SER A 54 -44.08 -15.89 32.60
N LYS A 55 -43.05 -15.65 33.41
CA LYS A 55 -42.54 -14.29 33.56
C LYS A 55 -41.93 -13.78 32.26
N ILE A 56 -41.34 -14.69 31.47
CA ILE A 56 -40.77 -14.28 30.17
C ILE A 56 -41.86 -13.78 29.25
N LYS A 57 -42.98 -14.50 29.15
CA LYS A 57 -44.07 -14.01 28.31
C LYS A 57 -44.75 -12.80 28.91
N ALA A 58 -44.77 -12.67 30.24
CA ALA A 58 -45.31 -11.46 30.85
C ALA A 58 -44.50 -10.24 30.47
N HIS A 59 -43.17 -10.36 30.47
CA HIS A 59 -42.31 -9.27 30.04
C HIS A 59 -42.33 -9.05 28.54
N LEU A 60 -42.58 -10.09 27.75
CA LEU A 60 -42.65 -9.95 26.30
C LEU A 60 -43.94 -9.29 25.85
N TRP A 61 -45.08 -9.65 26.45
CA TRP A 61 -46.37 -9.08 26.04
C TRP A 61 -46.44 -7.59 26.36
N LYS A 62 -45.69 -7.12 27.35
CA LYS A 62 -45.62 -5.71 27.65
C LYS A 62 -44.29 -5.16 27.15
N PRO A 63 -44.27 -4.40 26.06
CA PRO A 63 -43.00 -3.97 25.45
C PRO A 63 -42.37 -2.74 26.10
N LYS A 64 -42.77 -2.36 27.31
CA LYS A 64 -42.24 -1.15 27.92
C LYS A 64 -40.72 -1.22 28.06
N GLY A 65 -40.21 -2.30 28.67
CA GLY A 65 -38.78 -2.46 28.78
C GLY A 65 -38.09 -2.70 27.44
N LEU A 66 -38.70 -3.53 26.60
CA LEU A 66 -38.10 -3.85 25.31
C LEU A 66 -37.99 -2.62 24.42
N ALA A 67 -39.06 -1.81 24.37
CA ALA A 67 -39.04 -0.62 23.52
C ALA A 67 -37.99 0.37 24.00
N ILE A 68 -37.90 0.59 25.32
CA ILE A 68 -36.92 1.52 25.85
C ILE A 68 -35.50 1.03 25.56
N ALA A 69 -35.25 -0.27 25.78
CA ALA A 69 -33.92 -0.81 25.53
C ALA A 69 -33.54 -0.69 24.07
N LEU A 70 -34.43 -1.07 23.15
CA LEU A 70 -34.14 -0.99 21.73
C LEU A 70 -33.93 0.45 21.29
N VAL A 71 -34.79 1.37 21.75
CA VAL A 71 -34.68 2.77 21.36
C VAL A 71 -33.34 3.33 21.84
N ALA A 72 -32.97 3.07 23.09
CA ALA A 72 -31.68 3.53 23.58
C ALA A 72 -30.54 2.95 22.74
N GLN A 73 -30.52 1.62 22.59
CA GLN A 73 -29.37 0.97 21.98
C GLN A 73 -29.20 1.36 20.53
N TYR A 74 -30.29 1.64 19.82
CA TYR A 74 -30.20 1.95 18.40
C TYR A 74 -30.47 3.41 18.07
N GLY A 75 -30.59 4.27 19.08
CA GLY A 75 -30.70 5.69 18.80
C GLY A 75 -29.69 6.56 19.50
N ILE A 76 -29.17 6.11 20.64
CA ILE A 76 -28.24 6.89 21.44
C ILE A 76 -26.83 6.35 21.36
N MET A 77 -26.65 5.03 21.37
CA MET A 77 -25.31 4.47 21.28
C MET A 77 -24.65 4.76 19.94
N PRO A 78 -25.29 4.53 18.79
CA PRO A 78 -24.66 4.97 17.53
C PRO A 78 -24.40 6.47 17.49
N LEU A 79 -25.34 7.27 17.97
CA LEU A 79 -25.15 8.71 17.99
C LEU A 79 -24.01 9.10 18.93
N THR A 80 -23.93 8.46 20.10
CA THR A 80 -22.83 8.74 21.01
C THR A 80 -21.48 8.39 20.38
N ALA A 81 -21.40 7.23 19.73
CA ALA A 81 -20.16 6.84 19.08
C ALA A 81 -19.79 7.82 17.97
N PHE A 82 -20.77 8.23 17.18
CA PHE A 82 -20.50 9.15 16.08
C PHE A 82 -20.00 10.51 16.60
N VAL A 83 -20.67 11.05 17.61
CA VAL A 83 -20.27 12.36 18.12
C VAL A 83 -18.93 12.28 18.83
N LEU A 84 -18.66 11.17 19.54
CA LEU A 84 -17.36 11.01 20.18
C LEU A 84 -16.25 10.94 19.14
N GLY A 85 -16.47 10.20 18.06
CA GLY A 85 -15.48 10.15 17.00
C GLY A 85 -15.28 11.49 16.33
N LYS A 86 -16.35 12.26 16.15
CA LYS A 86 -16.23 13.54 15.45
C LYS A 86 -15.54 14.58 16.33
N VAL A 87 -15.83 14.61 17.63
CA VAL A 87 -15.27 15.64 18.50
C VAL A 87 -13.95 15.22 19.14
N PHE A 88 -13.56 13.95 19.02
CA PHE A 88 -12.28 13.50 19.53
C PHE A 88 -11.18 13.51 18.46
N ARG A 89 -11.51 13.92 17.24
CA ARG A 89 -10.55 13.99 16.14
C ARG A 89 -9.87 12.65 15.91
N LEU A 90 -10.69 11.65 15.56
CA LEU A 90 -10.22 10.30 15.31
C LEU A 90 -10.08 10.06 13.82
N LYS A 91 -9.16 9.16 13.46
CA LYS A 91 -8.92 8.83 12.07
C LYS A 91 -10.10 8.04 11.51
N ASN A 92 -10.02 7.72 10.22
CA ASN A 92 -11.12 7.02 9.56
C ASN A 92 -11.33 5.63 10.14
N ILE A 93 -10.25 4.87 10.31
CA ILE A 93 -10.37 3.50 10.78
C ILE A 93 -10.79 3.47 12.25
N GLU A 94 -10.23 4.37 13.06
CA GLU A 94 -10.61 4.42 14.47
C GLU A 94 -12.07 4.81 14.65
N ALA A 95 -12.51 5.83 13.89
CA ALA A 95 -13.91 6.24 13.96
C ALA A 95 -14.83 5.12 13.48
N LEU A 96 -14.44 4.41 12.41
CA LEU A 96 -15.24 3.29 11.94
C LEU A 96 -15.34 2.20 12.99
N ALA A 97 -14.23 1.90 13.67
CA ALA A 97 -14.25 0.87 14.71
C ALA A 97 -15.18 1.27 15.85
N ILE A 98 -15.06 2.52 16.32
CA ILE A 98 -15.90 2.95 17.43
C ILE A 98 -17.37 3.01 17.01
N LEU A 99 -17.65 3.35 15.75
CA LEU A 99 -19.03 3.41 15.29
C LEU A 99 -19.64 2.02 15.17
N VAL A 100 -18.88 1.07 14.60
CA VAL A 100 -19.38 -0.30 14.49
C VAL A 100 -19.57 -0.90 15.86
N CYS A 101 -18.70 -0.57 16.82
CA CYS A 101 -18.92 -1.00 18.20
C CYS A 101 -20.18 -0.37 18.78
N GLY A 102 -20.46 0.88 18.43
CA GLY A 102 -21.62 1.55 18.97
C GLY A 102 -22.94 0.93 18.49
N CYS A 103 -23.01 0.57 17.22
CA CYS A 103 -24.22 0.03 16.62
C CYS A 103 -24.40 -1.47 16.85
N SER A 104 -23.47 -2.11 17.55
CA SER A 104 -23.56 -3.53 17.78
C SER A 104 -24.68 -3.85 18.77
N PRO A 105 -25.21 -5.08 18.74
CA PRO A 105 -26.25 -5.46 19.71
C PRO A 105 -25.68 -5.68 21.10
N GLY A 106 -26.55 -5.93 22.07
CA GLY A 106 -26.11 -6.24 23.41
C GLY A 106 -25.48 -7.61 23.51
N GLY A 107 -24.71 -7.81 24.57
CA GLY A 107 -24.01 -9.05 24.80
C GLY A 107 -24.60 -9.86 25.95
N ASN A 108 -23.86 -10.91 26.32
CA ASN A 108 -24.24 -11.79 27.42
C ASN A 108 -23.54 -11.42 28.72
N LEU A 109 -22.46 -10.63 28.65
CA LEU A 109 -21.96 -9.96 29.85
C LEU A 109 -23.06 -9.13 30.49
N SER A 110 -23.98 -8.61 29.68
CA SER A 110 -25.15 -7.92 30.24
C SER A 110 -25.98 -8.85 31.11
N ASN A 111 -26.22 -10.08 30.64
CA ASN A 111 -26.98 -11.04 31.42
C ASN A 111 -26.24 -11.39 32.71
N VAL A 112 -24.93 -11.62 32.62
CA VAL A 112 -24.15 -11.95 33.81
C VAL A 112 -24.20 -10.80 34.82
N PHE A 113 -24.03 -9.57 34.35
CA PHE A 113 -24.05 -8.42 35.24
C PHE A 113 -25.44 -8.24 35.86
N SER A 114 -26.49 -8.44 35.08
CA SER A 114 -27.84 -8.35 35.62
C SER A 114 -28.07 -9.40 36.70
N LEU A 115 -27.53 -10.60 36.51
CA LEU A 115 -27.57 -11.61 37.56
C LEU A 115 -26.84 -11.13 38.80
N ALA A 116 -25.68 -10.51 38.62
CA ALA A 116 -24.89 -10.05 39.75
C ALA A 116 -25.36 -8.70 40.30
N MET A 117 -26.28 -8.02 39.63
CA MET A 117 -26.80 -6.73 40.08
C MET A 117 -28.22 -6.83 40.63
N LYS A 118 -28.71 -8.05 40.84
CA LYS A 118 -30.07 -8.28 41.33
C LYS A 118 -31.11 -7.63 40.41
N GLY A 119 -31.15 -8.10 39.17
CA GLY A 119 -32.04 -7.59 38.17
C GLY A 119 -33.03 -8.63 37.68
N ASP A 120 -33.94 -8.17 36.81
CA ASP A 120 -34.98 -9.03 36.26
C ASP A 120 -34.39 -9.88 35.14
N MET A 121 -33.98 -11.10 35.47
CA MET A 121 -33.42 -12.01 34.49
C MET A 121 -34.43 -12.49 33.46
N ASN A 122 -35.73 -12.35 33.73
CA ASN A 122 -36.72 -12.62 32.71
C ASN A 122 -36.72 -11.53 31.65
N LEU A 123 -36.41 -10.29 32.04
CA LEU A 123 -36.26 -9.21 31.08
C LEU A 123 -34.93 -9.29 30.34
N SER A 124 -33.89 -9.83 30.98
CA SER A 124 -32.56 -9.84 30.37
C SER A 124 -32.52 -10.67 29.10
N ILE A 125 -33.05 -11.90 29.15
CA ILE A 125 -32.96 -12.80 28.00
C ILE A 125 -33.81 -12.28 26.84
N VAL A 126 -35.03 -11.82 27.13
CA VAL A 126 -35.88 -11.27 26.09
C VAL A 126 -35.25 -10.03 25.49
N MET A 127 -34.68 -9.17 26.34
CA MET A 127 -34.02 -7.96 25.87
C MET A 127 -32.86 -8.29 24.95
N THR A 128 -32.03 -9.26 25.34
CA THR A 128 -30.88 -9.64 24.52
C THR A 128 -31.32 -10.23 23.19
N THR A 129 -32.31 -11.13 23.21
CA THR A 129 -32.77 -11.75 21.96
C THR A 129 -33.38 -10.71 21.03
N CYS A 130 -34.22 -9.82 21.56
CA CYS A 130 -34.82 -8.78 20.73
C CYS A 130 -33.76 -7.82 20.19
N SER A 131 -32.77 -7.49 21.01
CA SER A 131 -31.68 -6.62 20.55
C SER A 131 -30.90 -7.28 19.43
N THR A 132 -30.62 -8.57 19.55
CA THR A 132 -29.87 -9.26 18.50
C THR A 132 -30.67 -9.34 17.20
N PHE A 133 -31.97 -9.65 17.28
CA PHE A 133 -32.78 -9.69 16.08
C PHE A 133 -32.91 -8.30 15.44
N CYS A 134 -33.12 -7.27 16.26
CA CYS A 134 -33.14 -5.91 15.75
C CYS A 134 -31.79 -5.51 15.18
N ALA A 135 -30.70 -6.08 15.68
CA ALA A 135 -29.39 -5.83 15.07
C ALA A 135 -29.32 -6.44 13.68
N LEU A 136 -29.75 -7.69 13.55
CA LEU A 136 -29.86 -8.31 12.23
C LEU A 136 -30.66 -7.43 11.28
N GLY A 137 -31.73 -6.81 11.80
CA GLY A 137 -32.57 -5.98 10.94
C GLY A 137 -31.97 -4.61 10.63
N MET A 138 -31.25 -4.02 11.58
CA MET A 138 -30.95 -2.60 11.55
C MET A 138 -29.48 -2.24 11.40
N MET A 139 -28.57 -3.20 11.52
CA MET A 139 -27.15 -2.87 11.43
C MET A 139 -26.76 -2.29 10.07
N PRO A 140 -27.18 -2.83 8.93
CA PRO A 140 -26.88 -2.15 7.66
C PRO A 140 -27.41 -0.73 7.61
N LEU A 141 -28.61 -0.50 8.14
CA LEU A 141 -29.21 0.83 8.07
C LEU A 141 -28.40 1.86 8.85
N LEU A 142 -28.10 1.57 10.12
CA LEU A 142 -27.31 2.49 10.93
C LEU A 142 -25.90 2.62 10.39
N LEU A 143 -25.31 1.52 9.94
CA LEU A 143 -23.96 1.56 9.39
C LEU A 143 -23.89 2.47 8.18
N TYR A 144 -24.86 2.33 7.27
CA TYR A 144 -24.88 3.20 6.09
C TYR A 144 -25.07 4.66 6.48
N ILE A 145 -26.06 4.94 7.34
CA ILE A 145 -26.35 6.32 7.70
C ILE A 145 -25.15 6.99 8.35
N TYR A 146 -24.49 6.31 9.29
CA TYR A 146 -23.42 6.93 10.04
C TYR A 146 -22.04 6.74 9.41
N SER A 147 -21.92 5.94 8.34
CA SER A 147 -20.64 5.75 7.67
C SER A 147 -20.65 6.28 6.24
N ARG A 148 -21.73 6.94 5.82
CA ARG A 148 -21.68 7.63 4.53
C ARG A 148 -20.58 8.68 4.47
N GLY A 149 -20.11 9.16 5.62
CA GLY A 149 -19.09 10.20 5.66
C GLY A 149 -17.67 9.70 5.83
N ILE A 150 -17.47 8.69 6.69
CA ILE A 150 -16.12 8.23 7.02
C ILE A 150 -15.70 6.99 6.25
N TYR A 151 -16.54 6.49 5.35
CA TYR A 151 -16.21 5.30 4.57
C TYR A 151 -16.76 5.47 3.17
N ASP A 152 -15.86 5.48 2.18
CA ASP A 152 -16.28 5.71 0.80
C ASP A 152 -17.07 4.52 0.26
N GLY A 153 -16.62 3.31 0.56
CA GLY A 153 -17.29 2.12 0.07
C GLY A 153 -18.55 1.79 0.83
N ASP A 154 -19.18 0.68 0.44
CA ASP A 154 -20.36 0.19 1.14
C ASP A 154 -19.96 -0.70 2.31
N LEU A 155 -20.68 -0.56 3.42
CA LEU A 155 -20.44 -1.35 4.61
C LEU A 155 -21.59 -2.28 4.95
N LYS A 156 -22.65 -2.29 4.13
CA LYS A 156 -23.81 -3.14 4.42
C LYS A 156 -23.51 -4.60 4.16
N ASP A 157 -22.65 -4.88 3.19
CA ASP A 157 -22.34 -6.27 2.83
C ASP A 157 -21.52 -6.94 3.92
N LYS A 158 -20.63 -6.19 4.56
CA LYS A 158 -19.66 -6.79 5.48
C LYS A 158 -20.32 -7.33 6.74
N VAL A 159 -21.59 -6.99 6.97
CA VAL A 159 -22.29 -7.39 8.19
C VAL A 159 -22.38 -8.90 8.27
N PRO A 160 -21.99 -9.51 9.41
CA PRO A 160 -22.02 -10.98 9.58
C PRO A 160 -23.38 -11.51 10.01
N TYR A 161 -24.26 -11.69 9.02
CA TYR A 161 -25.61 -12.20 9.32
C TYR A 161 -25.55 -13.61 9.89
N LYS A 162 -24.72 -14.48 9.32
CA LYS A 162 -24.61 -15.84 9.81
C LYS A 162 -24.07 -15.88 11.24
N GLY A 163 -23.09 -15.03 11.53
CA GLY A 163 -22.57 -14.97 12.89
C GLY A 163 -23.62 -14.55 13.90
N ILE A 164 -24.43 -13.56 13.54
CA ILE A 164 -25.51 -13.11 14.41
C ILE A 164 -26.53 -14.23 14.62
N VAL A 165 -26.85 -14.96 13.55
CA VAL A 165 -27.83 -16.04 13.64
C VAL A 165 -27.32 -17.14 14.56
N ILE A 166 -26.05 -17.53 14.40
CA ILE A 166 -25.53 -18.59 15.25
C ILE A 166 -25.37 -18.10 16.69
N SER A 167 -25.11 -16.80 16.88
CA SER A 167 -25.10 -16.26 18.24
C SER A 167 -26.48 -16.35 18.88
N LEU A 168 -27.53 -16.04 18.11
CA LEU A 168 -28.89 -16.20 18.61
C LEU A 168 -29.18 -17.65 18.97
N VAL A 169 -28.75 -18.59 18.12
CA VAL A 169 -29.00 -20.01 18.38
C VAL A 169 -28.27 -20.44 19.66
N LEU A 170 -27.01 -20.01 19.81
CA LEU A 170 -26.21 -20.41 20.95
C LEU A 170 -26.72 -19.76 22.23
N VAL A 171 -27.39 -18.61 22.10
CA VAL A 171 -28.02 -18.00 23.27
C VAL A 171 -29.30 -18.73 23.63
N LEU A 172 -30.11 -19.08 22.63
CA LEU A 172 -31.45 -19.60 22.90
C LEU A 172 -31.41 -21.06 23.37
N ILE A 173 -30.69 -21.92 22.67
CA ILE A 173 -30.80 -23.37 22.90
C ILE A 173 -30.43 -23.75 24.33
N PRO A 174 -29.26 -23.38 24.86
CA PRO A 174 -28.95 -23.76 26.24
C PRO A 174 -29.93 -23.20 27.26
N CYS A 175 -30.38 -21.96 27.07
CA CYS A 175 -31.34 -21.38 28.00
C CYS A 175 -32.68 -22.12 27.95
N THR A 176 -33.13 -22.47 26.74
CA THR A 176 -34.38 -23.19 26.61
C THR A 176 -34.30 -24.57 27.27
N ILE A 177 -33.21 -25.29 27.02
CA ILE A 177 -33.11 -26.62 27.63
C ILE A 177 -32.95 -26.51 29.14
N GLY A 178 -32.25 -25.48 29.63
CA GLY A 178 -32.16 -25.29 31.07
C GLY A 178 -33.50 -24.98 31.69
N ILE A 179 -34.31 -24.15 31.02
CA ILE A 179 -35.63 -23.81 31.53
C ILE A 179 -36.51 -25.05 31.59
N VAL A 180 -36.51 -25.85 30.52
CA VAL A 180 -37.37 -27.04 30.50
C VAL A 180 -36.86 -28.07 31.49
N LEU A 181 -35.56 -28.09 31.76
CA LEU A 181 -35.02 -29.00 32.76
C LEU A 181 -35.44 -28.58 34.17
N LYS A 182 -35.35 -27.28 34.46
CA LYS A 182 -35.75 -26.79 35.77
C LYS A 182 -37.24 -26.97 36.00
N SER A 183 -38.06 -26.70 34.98
CA SER A 183 -39.51 -26.79 35.15
C SER A 183 -39.96 -28.24 35.37
N LYS A 184 -39.37 -29.19 34.64
CA LYS A 184 -39.83 -30.57 34.68
C LYS A 184 -39.07 -31.41 35.69
N ARG A 185 -37.76 -31.22 35.80
CA ARG A 185 -36.94 -32.02 36.71
C ARG A 185 -36.12 -31.10 37.62
N PRO A 186 -36.70 -30.55 38.69
CA PRO A 186 -35.95 -29.65 39.57
C PRO A 186 -34.68 -30.26 40.15
N GLN A 187 -34.69 -31.57 40.37
CA GLN A 187 -33.56 -32.22 41.03
C GLN A 187 -32.29 -32.14 40.19
N TYR A 188 -32.40 -32.31 38.88
CA TYR A 188 -31.20 -32.30 38.03
C TYR A 188 -30.59 -30.91 37.95
N MET A 189 -31.36 -29.87 38.29
CA MET A 189 -30.91 -28.50 38.11
C MET A 189 -29.67 -28.19 38.96
N ARG A 190 -29.70 -28.61 40.23
CA ARG A 190 -28.60 -28.27 41.12
C ARG A 190 -27.30 -28.94 40.68
N TYR A 191 -27.38 -30.21 40.28
CA TYR A 191 -26.17 -30.94 39.87
C TYR A 191 -25.54 -30.32 38.63
N VAL A 192 -26.35 -30.04 37.61
CA VAL A 192 -25.80 -29.45 36.38
C VAL A 192 -25.29 -28.05 36.64
N ILE A 193 -25.96 -27.29 37.52
CA ILE A 193 -25.48 -25.95 37.86
C ILE A 193 -24.10 -26.03 38.53
N LYS A 194 -23.94 -26.97 39.47
CA LYS A 194 -22.67 -27.13 40.15
C LYS A 194 -21.57 -27.54 39.17
N GLY A 195 -21.87 -28.49 38.28
CA GLY A 195 -20.88 -28.90 37.30
C GLY A 195 -20.49 -27.78 36.35
N GLY A 196 -21.48 -27.01 35.90
CA GLY A 196 -21.18 -25.88 35.04
C GLY A 196 -20.31 -24.84 35.74
N MET A 197 -20.61 -24.56 37.00
CA MET A 197 -19.77 -23.64 37.76
C MET A 197 -18.34 -24.18 37.87
N ILE A 198 -18.20 -25.48 38.11
CA ILE A 198 -16.87 -26.07 38.25
C ILE A 198 -16.07 -25.92 36.97
N ILE A 199 -16.68 -26.22 35.82
CA ILE A 199 -15.92 -26.14 34.57
C ILE A 199 -15.67 -24.67 34.19
N ILE A 200 -16.62 -23.78 34.50
CA ILE A 200 -16.41 -22.35 34.25
C ILE A 200 -15.24 -21.83 35.06
N LEU A 201 -15.04 -22.37 36.27
CA LEU A 201 -13.93 -21.93 37.10
C LEU A 201 -12.58 -22.13 36.42
N LEU A 202 -12.39 -23.22 35.68
CA LEU A 202 -11.15 -23.49 34.96
C LEU A 202 -11.09 -22.75 33.61
N CYS A 203 -12.21 -22.72 32.88
CA CYS A 203 -12.23 -21.96 31.64
C CYS A 203 -11.95 -20.48 31.89
N SER A 204 -12.28 -19.99 33.09
CA SER A 204 -12.00 -18.61 33.43
C SER A 204 -10.50 -18.34 33.50
N VAL A 205 -9.75 -19.24 34.14
CA VAL A 205 -8.30 -19.05 34.21
C VAL A 205 -7.69 -19.21 32.82
N ALA A 206 -8.26 -20.10 32.00
CA ALA A 206 -7.76 -20.24 30.63
C ALA A 206 -7.94 -18.94 29.84
N VAL A 207 -9.15 -18.38 29.89
CA VAL A 207 -9.42 -17.11 29.21
C VAL A 207 -8.55 -16.01 29.77
N THR A 208 -8.35 -16.01 31.10
CA THR A 208 -7.55 -14.97 31.73
C THR A 208 -6.11 -15.00 31.25
N VAL A 209 -5.50 -16.19 31.18
CA VAL A 209 -4.11 -16.25 30.75
C VAL A 209 -3.99 -15.91 29.26
N LEU A 210 -4.94 -16.36 28.44
CA LEU A 210 -4.87 -16.02 27.02
C LEU A 210 -5.02 -14.51 26.81
N SER A 211 -5.95 -13.88 27.52
CA SER A 211 -6.12 -12.43 27.42
C SER A 211 -4.92 -11.70 28.00
N ALA A 212 -4.26 -12.28 29.01
CA ALA A 212 -3.04 -11.67 29.53
C ALA A 212 -1.94 -11.65 28.48
N ILE A 213 -1.78 -12.76 27.75
CA ILE A 213 -0.82 -12.78 26.65
C ILE A 213 -1.21 -11.75 25.59
N ASN A 214 -2.49 -11.68 25.25
CA ASN A 214 -2.94 -10.74 24.22
C ASN A 214 -2.67 -9.29 24.63
N VAL A 215 -2.95 -8.93 25.88
CA VAL A 215 -2.73 -7.55 26.31
C VAL A 215 -1.23 -7.28 26.44
N GLY A 216 -0.44 -8.28 26.83
CA GLY A 216 1.00 -8.10 26.84
C GLY A 216 1.55 -7.76 25.48
N LYS A 217 1.03 -8.42 24.44
CA LYS A 217 1.44 -8.07 23.07
C LYS A 217 0.87 -6.73 22.65
N SER A 218 -0.36 -6.41 23.08
CA SER A 218 -0.96 -5.13 22.71
C SER A 218 -0.19 -3.95 23.32
N ILE A 219 0.46 -4.18 24.46
CA ILE A 219 1.32 -3.14 25.02
C ILE A 219 2.47 -2.82 24.07
N MET A 220 3.09 -3.86 23.49
CA MET A 220 4.15 -3.63 22.51
C MET A 220 3.60 -2.95 21.26
N PHE A 221 2.47 -3.43 20.75
CA PHE A 221 1.82 -2.80 19.59
C PHE A 221 0.69 -1.90 20.09
N ALA A 222 1.09 -0.74 20.61
CA ALA A 222 0.16 0.17 21.26
C ALA A 222 -0.74 0.85 20.23
N MET A 223 -1.82 1.44 20.73
CA MET A 223 -2.83 2.11 19.93
C MET A 223 -2.90 3.58 20.27
N THR A 224 -3.75 4.30 19.54
CA THR A 224 -3.99 5.71 19.78
C THR A 224 -4.62 5.91 21.16
N PRO A 225 -4.07 6.78 22.01
CA PRO A 225 -4.66 6.97 23.34
C PRO A 225 -6.00 7.72 23.31
N LEU A 226 -6.26 8.48 22.26
CA LEU A 226 -7.60 9.05 22.08
C LEU A 226 -8.65 7.95 21.89
N LEU A 227 -8.27 6.89 21.15
CA LEU A 227 -9.15 5.73 21.04
C LEU A 227 -9.38 5.08 22.40
N ILE A 228 -8.34 5.02 23.24
CA ILE A 228 -8.49 4.46 24.58
C ILE A 228 -9.44 5.31 25.41
N ALA A 229 -9.33 6.64 25.30
CA ALA A 229 -10.25 7.52 26.02
C ALA A 229 -11.68 7.31 25.55
N THR A 230 -11.90 7.19 24.24
CA THR A 230 -13.24 6.97 23.71
C THR A 230 -13.80 5.61 24.16
N SER A 231 -12.96 4.58 24.16
CA SER A 231 -13.40 3.26 24.57
C SER A 231 -13.67 3.21 26.07
N SER A 232 -13.04 4.09 26.85
CA SER A 232 -13.39 4.20 28.26
C SER A 232 -14.69 4.99 28.43
N LEU A 233 -14.90 6.01 27.63
CA LEU A 233 -16.09 6.86 27.79
C LEU A 233 -17.35 6.14 27.34
N MET A 234 -17.27 5.28 26.33
CA MET A 234 -18.49 4.72 25.74
C MET A 234 -19.31 3.88 26.71
N PRO A 235 -18.75 2.88 27.42
CA PRO A 235 -19.61 2.08 28.32
C PRO A 235 -20.22 2.88 29.46
N PHE A 236 -19.47 3.84 30.01
CA PHE A 236 -20.02 4.66 31.09
C PHE A 236 -21.19 5.50 30.60
N ILE A 237 -21.05 6.11 29.42
CA ILE A 237 -22.14 6.89 28.84
C ILE A 237 -23.33 5.99 28.57
N GLY A 238 -23.08 4.77 28.06
CA GLY A 238 -24.18 3.85 27.82
C GLY A 238 -24.93 3.50 29.09
N PHE A 239 -24.20 3.17 30.15
CA PHE A 239 -24.82 2.87 31.44
C PHE A 239 -25.65 4.05 31.94
N LEU A 240 -25.06 5.23 31.95
CA LEU A 240 -25.75 6.40 32.49
C LEU A 240 -27.00 6.72 31.68
N LEU A 241 -26.90 6.69 30.35
CA LEU A 241 -28.04 7.07 29.52
C LEU A 241 -29.14 6.02 29.60
N GLY A 242 -28.78 4.74 29.66
CA GLY A 242 -29.79 3.72 29.84
C GLY A 242 -30.52 3.86 31.17
N TYR A 243 -29.76 4.10 32.25
CA TYR A 243 -30.39 4.28 33.56
C TYR A 243 -31.31 5.50 33.57
N VAL A 244 -30.86 6.61 32.98
CA VAL A 244 -31.67 7.83 32.95
C VAL A 244 -32.93 7.61 32.12
N LEU A 245 -32.80 6.96 30.97
CA LEU A 245 -33.98 6.72 30.13
C LEU A 245 -34.98 5.80 30.83
N SER A 246 -34.48 4.78 31.53
CA SER A 246 -35.40 3.90 32.25
C SER A 246 -36.08 4.64 33.41
N ALA A 247 -35.32 5.48 34.13
CA ALA A 247 -35.90 6.21 35.25
C ALA A 247 -36.96 7.19 34.78
N LEU A 248 -36.69 7.91 33.69
CA LEU A 248 -37.63 8.91 33.20
C LEU A 248 -38.91 8.27 32.67
N PHE A 249 -38.88 6.99 32.37
CA PHE A 249 -40.05 6.28 31.84
C PHE A 249 -40.82 5.54 32.93
N CYS A 250 -40.49 5.78 34.21
CA CYS A 250 -41.22 5.23 35.36
C CYS A 250 -41.24 3.70 35.31
N LEU A 251 -40.05 3.14 35.43
CA LEU A 251 -39.86 1.70 35.46
C LEU A 251 -39.60 1.23 36.89
N ASN A 252 -39.56 -0.09 37.05
CA ASN A 252 -39.35 -0.69 38.37
C ASN A 252 -37.91 -0.49 38.83
N GLY A 253 -37.67 -0.79 40.11
CA GLY A 253 -36.34 -0.59 40.66
C GLY A 253 -35.30 -1.52 40.05
N ARG A 254 -35.65 -2.79 39.90
CA ARG A 254 -34.72 -3.75 39.31
C ARG A 254 -34.74 -3.71 37.79
N CYS A 255 -35.90 -3.36 37.20
CA CYS A 255 -35.97 -3.22 35.75
C CYS A 255 -35.07 -2.08 35.28
N ARG A 256 -34.94 -1.02 36.08
CA ARG A 256 -34.05 0.08 35.74
C ARG A 256 -32.60 -0.41 35.65
N ARG A 257 -32.16 -1.16 36.65
CA ARG A 257 -30.79 -1.69 36.64
C ARG A 257 -30.60 -2.65 35.46
N THR A 258 -31.58 -3.50 35.19
CA THR A 258 -31.48 -4.43 34.07
C THR A 258 -31.34 -3.69 32.75
N VAL A 259 -32.17 -2.67 32.54
CA VAL A 259 -32.13 -1.91 31.29
C VAL A 259 -30.80 -1.19 31.16
N SER A 260 -30.34 -0.55 32.24
CA SER A 260 -29.07 0.17 32.17
C SER A 260 -27.90 -0.76 31.87
N MET A 261 -27.87 -1.92 32.54
CA MET A 261 -26.76 -2.84 32.35
C MET A 261 -26.81 -3.51 30.98
N GLU A 262 -28.01 -3.65 30.40
CA GLU A 262 -28.10 -4.19 29.05
C GLU A 262 -27.67 -3.14 28.03
N THR A 263 -28.03 -1.88 28.26
CA THR A 263 -27.62 -0.82 27.34
C THR A 263 -26.12 -0.61 27.37
N GLY A 264 -25.50 -0.70 28.55
CA GLY A 264 -24.09 -0.43 28.66
C GLY A 264 -23.22 -1.44 27.92
N CYS A 265 -23.55 -2.72 28.02
CA CYS A 265 -22.72 -3.78 27.46
C CYS A 265 -23.08 -4.01 26.00
N GLN A 266 -22.07 -3.99 25.13
CA GLN A 266 -22.23 -4.20 23.70
C GLN A 266 -21.37 -5.39 23.26
N ASN A 267 -21.68 -5.91 22.07
CA ASN A 267 -20.94 -7.01 21.49
C ASN A 267 -19.79 -6.47 20.66
N VAL A 268 -18.61 -7.08 20.81
CA VAL A 268 -17.41 -6.61 20.13
C VAL A 268 -16.91 -7.57 19.07
N GLN A 269 -17.41 -8.81 19.01
CA GLN A 269 -16.98 -9.74 17.99
C GLN A 269 -17.44 -9.30 16.61
N LEU A 270 -18.64 -8.73 16.53
CA LEU A 270 -19.15 -8.24 15.24
C LEU A 270 -18.27 -7.13 14.70
N CYS A 271 -17.81 -6.22 15.58
CA CYS A 271 -16.92 -5.16 15.13
C CYS A 271 -15.62 -5.71 14.58
N SER A 272 -15.05 -6.70 15.26
CA SER A 272 -13.81 -7.31 14.78
C SER A 272 -14.01 -7.97 13.42
N THR A 273 -15.11 -8.71 13.26
CA THR A 273 -15.38 -9.37 11.98
C THR A 273 -15.56 -8.34 10.86
N ILE A 274 -16.33 -7.30 11.12
CA ILE A 274 -16.57 -6.28 10.10
C ILE A 274 -15.28 -5.58 9.72
N LEU A 275 -14.46 -5.23 10.71
CA LEU A 275 -13.19 -4.57 10.42
C LEU A 275 -12.27 -5.47 9.62
N ASN A 276 -12.20 -6.75 9.97
CA ASN A 276 -11.32 -7.66 9.25
C ASN A 276 -11.78 -7.84 7.81
N VAL A 277 -13.09 -7.92 7.59
CA VAL A 277 -13.59 -8.08 6.22
C VAL A 277 -13.38 -6.82 5.40
N ALA A 278 -13.60 -5.65 6.01
CA ALA A 278 -13.63 -4.40 5.25
C ALA A 278 -12.25 -3.92 4.82
N PHE A 279 -11.23 -4.13 5.64
CA PHE A 279 -9.93 -3.55 5.44
C PHE A 279 -8.84 -4.60 5.48
N PRO A 280 -7.71 -4.35 4.83
CA PRO A 280 -6.57 -5.29 4.89
C PRO A 280 -5.97 -5.32 6.28
N PRO A 281 -5.25 -6.39 6.63
CA PRO A 281 -4.70 -6.48 7.99
C PRO A 281 -3.78 -5.33 8.37
N GLU A 282 -3.00 -4.81 7.44
CA GLU A 282 -2.06 -3.74 7.75
C GLU A 282 -2.75 -2.41 8.01
N VAL A 283 -3.95 -2.19 7.47
CA VAL A 283 -4.71 -0.99 7.78
C VAL A 283 -5.29 -1.06 9.19
N ILE A 284 -5.78 -2.23 9.59
CA ILE A 284 -6.21 -2.42 10.97
C ILE A 284 -5.03 -2.23 11.92
N GLY A 285 -4.01 -3.08 11.80
CA GLY A 285 -2.80 -2.94 12.57
C GLY A 285 -3.01 -2.99 14.07
N PRO A 286 -2.81 -1.86 14.74
CA PRO A 286 -2.98 -1.82 16.20
C PRO A 286 -4.39 -2.14 16.66
N LEU A 287 -5.40 -1.94 15.83
CA LEU A 287 -6.79 -2.21 16.19
C LEU A 287 -7.12 -3.69 16.22
N PHE A 288 -6.12 -4.57 16.11
CA PHE A 288 -6.37 -5.99 16.22
C PHE A 288 -6.78 -6.36 17.64
N PHE A 289 -6.39 -5.55 18.63
CA PHE A 289 -6.69 -5.79 20.03
C PHE A 289 -7.74 -4.84 20.58
N PHE A 290 -8.44 -4.11 19.71
CA PHE A 290 -9.47 -3.18 20.14
C PHE A 290 -10.64 -3.88 20.84
N PRO A 291 -11.16 -4.99 20.32
CA PRO A 291 -12.23 -5.68 21.08
C PRO A 291 -11.81 -6.10 22.47
N LEU A 292 -10.56 -6.54 22.65
CA LEU A 292 -10.09 -6.91 23.98
C LEU A 292 -10.08 -5.71 24.91
N LEU A 293 -9.60 -4.55 24.43
CA LEU A 293 -9.60 -3.35 25.25
C LEU A 293 -11.02 -2.92 25.61
N TYR A 294 -11.94 -2.97 24.64
CA TYR A 294 -13.31 -2.57 24.91
C TYR A 294 -13.96 -3.51 25.93
N MET A 295 -13.72 -4.81 25.81
CA MET A 295 -14.25 -5.76 26.79
C MET A 295 -13.64 -5.52 28.17
N ILE A 296 -12.34 -5.21 28.22
CA ILE A 296 -11.70 -4.94 29.50
C ILE A 296 -12.34 -3.72 30.16
N PHE A 297 -12.55 -2.66 29.39
CA PHE A 297 -13.19 -1.46 29.95
C PHE A 297 -14.61 -1.74 30.41
N GLN A 298 -15.38 -2.49 29.62
CA GLN A 298 -16.73 -2.85 30.01
C GLN A 298 -16.72 -3.64 31.32
N LEU A 299 -15.86 -4.64 31.42
CA LEU A 299 -15.80 -5.46 32.61
C LEU A 299 -15.40 -4.63 33.83
N GLY A 300 -14.39 -3.76 33.68
CA GLY A 300 -13.96 -2.96 34.81
C GLY A 300 -15.04 -2.02 35.31
N GLU A 301 -15.69 -1.31 34.38
CA GLU A 301 -16.73 -0.37 34.78
C GLU A 301 -17.94 -1.10 35.36
N GLY A 302 -18.31 -2.25 34.78
CA GLY A 302 -19.41 -3.00 35.33
C GLY A 302 -19.12 -3.54 36.71
N LEU A 303 -17.90 -4.03 36.95
CA LEU A 303 -17.53 -4.50 38.27
C LEU A 303 -17.52 -3.35 39.28
N LEU A 304 -17.03 -2.18 38.87
CA LEU A 304 -17.06 -1.02 39.76
C LEU A 304 -18.49 -0.64 40.12
N LEU A 305 -19.40 -0.61 39.14
CA LEU A 305 -20.79 -0.28 39.41
C LEU A 305 -21.44 -1.34 40.29
N ILE A 306 -21.13 -2.60 40.07
CA ILE A 306 -21.70 -3.68 40.89
C ILE A 306 -21.22 -3.54 42.34
N ALA A 307 -19.94 -3.26 42.53
CA ALA A 307 -19.41 -3.07 43.88
C ALA A 307 -20.06 -1.87 44.56
N ILE A 308 -20.23 -0.77 43.82
CA ILE A 308 -20.87 0.41 44.39
C ILE A 308 -22.30 0.10 44.80
N PHE A 309 -23.04 -0.59 43.93
CA PHE A 309 -24.44 -0.92 44.24
C PHE A 309 -24.53 -1.85 45.44
N TRP A 310 -23.64 -2.84 45.52
CA TRP A 310 -23.68 -3.76 46.65
C TRP A 310 -23.31 -3.05 47.95
N CYS A 311 -22.33 -2.15 47.91
CA CYS A 311 -21.97 -1.38 49.10
C CYS A 311 -23.13 -0.50 49.55
N TYR A 312 -23.83 0.14 48.60
CA TYR A 312 -24.98 0.95 48.95
C TYR A 312 -26.10 0.10 49.53
N GLU A 313 -26.32 -1.09 48.96
CA GLU A 313 -27.38 -1.97 49.44
C GLU A 313 -27.10 -2.46 50.85
N LYS A 314 -25.84 -2.81 51.14
CA LYS A 314 -25.49 -3.28 52.48
C LYS A 314 -25.64 -2.16 53.51
N PHE A 315 -25.32 -0.93 53.14
CA PHE A 315 -25.44 0.20 54.05
C PHE A 315 -26.86 0.75 54.04
N ASP B 1 -7.31 13.92 1.59
CA ASP B 1 -6.17 13.02 1.44
C ASP B 1 -4.88 13.64 1.99
N ILE B 2 -4.07 12.81 2.64
CA ILE B 2 -2.82 13.28 3.21
C ILE B 2 -1.78 13.41 2.11
N VAL B 3 -1.14 14.57 2.03
CA VAL B 3 -0.11 14.84 1.03
C VAL B 3 1.24 14.86 1.75
N MET B 4 2.16 14.00 1.30
CA MET B 4 3.48 13.92 1.90
C MET B 4 4.51 14.62 1.03
N THR B 5 5.41 15.35 1.68
CA THR B 5 6.52 16.01 1.01
C THR B 5 7.81 15.43 1.55
N GLN B 6 8.68 14.99 0.66
CA GLN B 6 9.91 14.30 1.02
C GLN B 6 11.10 15.20 0.69
N SER B 7 12.04 15.31 1.63
CA SER B 7 13.22 16.13 1.46
C SER B 7 14.45 15.36 1.89
N PRO B 8 15.59 15.59 1.23
CA PRO B 8 15.71 16.40 0.01
C PRO B 8 15.28 15.63 -1.24
N ALA B 9 14.94 16.34 -2.32
CA ALA B 9 14.51 15.68 -3.55
C ALA B 9 15.65 14.88 -4.18
N ILE B 10 16.86 15.42 -4.17
CA ILE B 10 18.03 14.75 -4.72
C ILE B 10 19.20 14.97 -3.76
N MET B 11 20.07 13.96 -3.65
CA MET B 11 21.16 13.99 -2.69
C MET B 11 22.38 13.27 -3.23
N SER B 12 23.50 13.44 -2.54
CA SER B 12 24.74 12.74 -2.86
C SER B 12 25.49 12.48 -1.56
N ALA B 13 26.03 11.28 -1.40
CA ALA B 13 26.72 10.91 -0.17
C ALA B 13 27.84 9.93 -0.50
N SER B 14 28.79 9.83 0.42
CA SER B 14 29.96 8.99 0.30
C SER B 14 29.74 7.65 0.97
N PRO B 15 30.49 6.61 0.58
CA PRO B 15 30.29 5.29 1.19
C PRO B 15 30.78 5.23 2.63
N GLY B 16 29.95 5.69 3.57
CA GLY B 16 30.31 5.72 4.97
C GLY B 16 29.73 6.91 5.68
N GLN B 17 29.28 7.91 4.93
CA GLN B 17 28.64 9.08 5.51
C GLN B 17 27.28 8.71 6.09
N LYS B 18 26.98 9.25 7.27
CA LYS B 18 25.67 9.05 7.89
C LYS B 18 24.65 9.94 7.19
N VAL B 19 23.53 9.36 6.80
CA VAL B 19 22.56 10.04 5.95
C VAL B 19 21.17 9.95 6.57
N THR B 20 20.42 11.04 6.45
CA THR B 20 19.06 11.11 6.99
C THR B 20 18.15 11.78 5.97
N ILE B 21 16.99 11.16 5.71
CA ILE B 21 15.99 11.67 4.79
C ILE B 21 14.70 11.91 5.56
N THR B 22 14.05 13.04 5.31
CA THR B 22 12.86 13.42 6.06
C THR B 22 11.62 13.40 5.18
N CYS B 23 10.49 13.05 5.78
CA CYS B 23 9.20 13.09 5.13
C CYS B 23 8.21 13.77 6.07
N SER B 24 7.56 14.82 5.59
CA SER B 24 6.61 15.59 6.37
C SER B 24 5.24 15.50 5.73
N ALA B 25 4.23 15.11 6.50
CA ALA B 25 2.88 14.97 6.00
C ALA B 25 2.12 16.29 6.13
N SER B 26 0.93 16.33 5.54
CA SER B 26 0.03 17.48 5.66
C SER B 26 -1.03 17.26 6.72
N SER B 27 -0.98 16.16 7.45
CA SER B 27 -1.92 15.83 8.51
C SER B 27 -1.27 14.80 9.41
N SER B 28 -1.89 14.58 10.57
CA SER B 28 -1.36 13.59 11.50
C SER B 28 -1.40 12.21 10.86
N VAL B 29 -0.24 11.55 10.83
CA VAL B 29 -0.10 10.22 10.25
C VAL B 29 0.22 9.26 11.38
N ASN B 30 -0.52 8.15 11.44
CA ASN B 30 -0.51 7.35 12.65
C ASN B 30 0.69 6.41 12.66
N TYR B 31 0.97 5.74 11.53
CA TYR B 31 2.30 5.19 11.24
C TYR B 31 2.71 5.56 9.82
N MET B 32 4.03 5.62 9.61
CA MET B 32 4.62 5.89 8.31
C MET B 32 5.60 4.78 7.95
N HIS B 33 5.67 4.46 6.66
CA HIS B 33 6.48 3.36 6.15
C HIS B 33 7.33 3.84 4.99
N TRP B 34 8.38 3.08 4.67
CA TRP B 34 9.36 3.49 3.67
C TRP B 34 9.57 2.39 2.64
N TYR B 35 9.65 2.79 1.38
CA TYR B 35 9.83 1.91 0.25
C TYR B 35 11.13 2.26 -0.47
N GLN B 36 11.88 1.24 -0.87
CA GLN B 36 13.12 1.42 -1.63
C GLN B 36 12.93 0.89 -3.04
N GLN B 37 13.39 1.65 -4.03
CA GLN B 37 13.33 1.26 -5.43
C GLN B 37 14.71 1.45 -6.06
N LYS B 38 15.32 0.35 -6.48
CA LYS B 38 16.54 0.43 -7.26
C LYS B 38 16.18 0.60 -8.73
N LEU B 39 16.99 1.39 -9.44
CA LEU B 39 16.67 1.73 -10.83
C LEU B 39 16.56 0.47 -11.68
N GLY B 40 15.50 0.41 -12.49
CA GLY B 40 15.23 -0.78 -13.27
C GLY B 40 14.66 -1.93 -12.48
N SER B 41 13.90 -1.63 -11.43
CA SER B 41 13.31 -2.67 -10.58
C SER B 41 12.08 -2.10 -9.90
N SER B 42 11.25 -3.01 -9.37
CA SER B 42 10.03 -2.64 -8.67
C SER B 42 10.34 -2.21 -7.24
N PRO B 43 9.51 -1.33 -6.67
CA PRO B 43 9.74 -0.90 -5.28
C PRO B 43 9.60 -2.07 -4.32
N LYS B 44 10.35 -1.99 -3.22
CA LYS B 44 10.33 -3.01 -2.18
C LYS B 44 10.11 -2.34 -0.83
N LEU B 45 9.32 -2.99 0.02
CA LEU B 45 9.12 -2.48 1.37
C LEU B 45 10.41 -2.56 2.16
N TRP B 46 10.76 -1.45 2.81
CA TRP B 46 12.01 -1.35 3.55
C TRP B 46 11.81 -1.24 5.05
N ILE B 47 11.04 -0.24 5.49
CA ILE B 47 10.77 -0.03 6.91
C ILE B 47 9.29 0.25 7.07
N TYR B 48 8.63 -0.51 7.94
CA TYR B 48 7.22 -0.34 8.24
C TYR B 48 7.03 -0.02 9.71
N ASP B 49 5.92 0.64 10.02
CA ASP B 49 5.55 1.01 11.38
C ASP B 49 6.57 1.95 12.03
N THR B 50 7.33 2.66 11.19
CA THR B 50 8.24 3.74 11.58
C THR B 50 9.48 3.25 12.31
N SER B 51 9.51 1.97 12.70
CA SER B 51 10.68 1.45 13.39
C SER B 51 11.08 0.04 12.98
N LYS B 52 10.23 -0.73 12.30
CA LYS B 52 10.51 -2.12 12.05
C LYS B 52 11.21 -2.28 10.70
N LEU B 53 11.72 -3.48 10.44
CA LEU B 53 12.49 -3.78 9.25
C LEU B 53 11.91 -5.00 8.56
N ALA B 54 11.69 -4.90 7.25
CA ALA B 54 11.21 -6.04 6.49
C ALA B 54 12.31 -7.10 6.37
N LEU B 55 11.93 -8.26 5.84
CA LEU B 55 12.88 -9.34 5.68
C LEU B 55 13.93 -8.98 4.64
N GLY B 56 15.20 -9.20 4.98
CA GLY B 56 16.31 -8.91 4.12
C GLY B 56 16.88 -7.51 4.25
N VAL B 57 16.23 -6.64 5.02
CA VAL B 57 16.74 -5.27 5.18
C VAL B 57 17.92 -5.29 6.14
N PRO B 58 19.06 -4.73 5.75
CA PRO B 58 20.22 -4.70 6.65
C PRO B 58 19.95 -3.83 7.87
N ALA B 59 20.66 -4.14 8.95
CA ALA B 59 20.47 -3.46 10.23
C ALA B 59 21.01 -2.05 10.26
N ARG B 60 21.53 -1.54 9.14
CA ARG B 60 22.02 -0.17 9.08
C ARG B 60 20.90 0.85 8.90
N PHE B 61 19.69 0.42 8.59
CA PHE B 61 18.57 1.30 8.34
C PHE B 61 17.73 1.43 9.60
N SER B 62 17.31 2.66 9.92
CA SER B 62 16.46 2.90 11.07
C SER B 62 15.45 3.98 10.71
N GLY B 63 14.35 3.99 11.46
CA GLY B 63 13.32 4.98 11.27
C GLY B 63 12.92 5.61 12.59
N SER B 64 12.47 6.86 12.51
CA SER B 64 12.06 7.59 13.70
C SER B 64 11.06 8.66 13.30
N GLY B 65 10.50 9.32 14.31
CA GLY B 65 9.59 10.42 14.10
C GLY B 65 8.19 10.09 14.55
N SER B 66 7.32 11.09 14.41
CA SER B 66 5.91 10.97 14.80
C SER B 66 5.17 12.20 14.26
N GLY B 67 3.89 12.29 14.59
CA GLY B 67 3.08 13.42 14.19
C GLY B 67 3.03 13.62 12.69
N THR B 68 3.64 14.70 12.21
CA THR B 68 3.75 14.99 10.79
C THR B 68 5.20 15.16 10.38
N SER B 69 6.08 14.35 10.98
CA SER B 69 7.50 14.43 10.63
C SER B 69 8.14 13.07 10.95
N TYR B 70 8.65 12.41 9.92
CA TYR B 70 9.31 11.12 10.08
C TYR B 70 10.64 11.16 9.34
N SER B 71 11.55 10.28 9.73
CA SER B 71 12.91 10.29 9.20
C SER B 71 13.44 8.87 9.06
N LEU B 72 14.18 8.65 7.97
CA LEU B 72 14.89 7.42 7.69
C LEU B 72 16.38 7.71 7.75
N THR B 73 17.10 6.96 8.58
CA THR B 73 18.52 7.17 8.82
C THR B 73 19.31 5.93 8.43
N ILE B 74 20.37 6.12 7.66
CA ILE B 74 21.36 5.10 7.38
C ILE B 74 22.65 5.51 8.07
N SER B 75 23.18 4.62 8.91
CA SER B 75 24.37 4.96 9.68
C SER B 75 25.61 4.94 8.80
N SER B 76 25.92 3.80 8.18
CA SER B 76 27.06 3.66 7.31
C SER B 76 26.57 3.24 5.93
N MET B 77 26.40 4.21 5.03
CA MET B 77 25.94 3.92 3.69
C MET B 77 26.99 3.13 2.92
N GLU B 78 26.52 2.14 2.16
CA GLU B 78 27.39 1.31 1.34
C GLU B 78 27.14 1.63 -0.13
N ALA B 79 27.81 0.89 -1.01
CA ALA B 79 27.67 1.13 -2.44
C ALA B 79 26.32 0.65 -2.95
N GLU B 80 25.66 -0.23 -2.22
CA GLU B 80 24.38 -0.80 -2.64
C GLU B 80 23.18 -0.06 -2.04
N ASP B 81 23.33 1.24 -1.80
CA ASP B 81 22.25 2.05 -1.25
C ASP B 81 21.76 3.15 -2.18
N ALA B 82 22.45 3.40 -3.29
CA ALA B 82 22.01 4.41 -4.25
C ALA B 82 20.70 3.97 -4.89
N ALA B 83 19.61 4.63 -4.54
CA ALA B 83 18.28 4.20 -4.96
C ALA B 83 17.32 5.36 -4.78
N SER B 84 16.02 5.08 -4.85
CA SER B 84 14.98 6.05 -4.59
C SER B 84 14.16 5.58 -3.40
N TYR B 85 13.91 6.49 -2.45
CA TYR B 85 13.19 6.17 -1.24
C TYR B 85 11.90 6.97 -1.19
N PHE B 86 10.80 6.28 -0.88
CA PHE B 86 9.47 6.89 -0.84
C PHE B 86 8.86 6.66 0.55
N CYS B 87 8.17 7.67 1.07
CA CYS B 87 7.39 7.50 2.28
C CYS B 87 5.94 7.22 1.92
N HIS B 88 5.27 6.41 2.74
CA HIS B 88 3.97 5.87 2.42
C HIS B 88 3.16 5.69 3.70
N GLN B 89 1.89 6.10 3.66
CA GLN B 89 0.95 5.90 4.75
C GLN B 89 -0.22 5.09 4.24
N TRP B 90 -0.65 4.09 5.03
CA TRP B 90 -1.84 3.31 4.70
C TRP B 90 -2.82 3.30 5.87
N SER B 91 -2.78 4.32 6.72
CA SER B 91 -3.67 4.43 7.85
C SER B 91 -4.84 5.37 7.63
N SER B 92 -4.71 6.32 6.70
CA SER B 92 -5.77 7.26 6.37
C SER B 92 -6.01 7.16 4.87
N TYR B 93 -7.04 6.41 4.47
CA TYR B 93 -7.34 6.24 3.05
C TYR B 93 -7.70 7.59 2.44
N PRO B 94 -7.33 7.84 1.17
CA PRO B 94 -6.58 6.93 0.29
C PRO B 94 -5.09 6.85 0.62
N ARG B 95 -4.47 5.72 0.31
CA ARG B 95 -3.03 5.58 0.50
C ARG B 95 -2.29 6.54 -0.44
N THR B 96 -1.27 7.21 0.09
CA THR B 96 -0.49 8.16 -0.67
C THR B 96 0.99 7.87 -0.48
N PHE B 97 1.76 8.09 -1.55
CA PHE B 97 3.20 7.94 -1.53
C PHE B 97 3.86 9.32 -1.51
N GLY B 98 5.14 9.32 -1.16
CA GLY B 98 5.91 10.55 -1.18
C GLY B 98 6.40 10.90 -2.57
N GLY B 99 6.98 12.08 -2.68
CA GLY B 99 7.55 12.50 -3.96
C GLY B 99 8.73 11.65 -4.38
N GLY B 100 9.58 11.29 -3.43
CA GLY B 100 10.73 10.46 -3.71
C GLY B 100 12.05 11.17 -3.45
N THR B 101 13.01 10.45 -2.87
CA THR B 101 14.33 10.99 -2.62
C THR B 101 15.36 10.09 -3.30
N LYS B 102 16.18 10.68 -4.16
CA LYS B 102 17.19 9.94 -4.92
C LYS B 102 18.52 10.04 -4.18
N LEU B 103 18.95 8.93 -3.58
CA LEU B 103 20.22 8.87 -2.89
C LEU B 103 21.27 8.28 -3.82
N GLU B 104 22.28 9.08 -4.17
CA GLU B 104 23.32 8.73 -5.12
C GLU B 104 24.64 8.52 -4.38
N ILE B 105 25.71 8.32 -5.14
CA ILE B 105 27.04 8.06 -4.60
C ILE B 105 27.95 9.19 -5.01
N LYS B 106 28.68 9.76 -4.04
CA LYS B 106 29.59 10.86 -4.28
C LYS B 106 30.97 10.33 -4.65
N ARG B 107 31.69 11.12 -5.45
CA ARG B 107 33.04 10.76 -5.87
C ARG B 107 33.81 12.03 -6.19
N ALA B 108 35.08 11.84 -6.54
CA ALA B 108 35.90 12.95 -7.01
C ALA B 108 35.46 13.39 -8.40
N ASP B 109 35.57 14.69 -8.67
CA ASP B 109 35.12 15.23 -9.94
C ASP B 109 35.97 14.71 -11.09
N ALA B 110 35.34 14.59 -12.26
CA ALA B 110 35.99 14.12 -13.47
C ALA B 110 35.61 15.02 -14.64
N ALA B 111 36.45 15.00 -15.68
CA ALA B 111 36.20 15.86 -16.83
C ALA B 111 35.54 15.08 -17.96
N PRO B 112 34.60 15.70 -18.66
CA PRO B 112 33.93 15.00 -19.77
C PRO B 112 34.88 14.72 -20.92
N THR B 113 34.65 13.59 -21.60
CA THR B 113 35.40 13.22 -22.78
C THR B 113 34.53 13.49 -24.01
N VAL B 114 34.57 14.75 -24.46
CA VAL B 114 33.71 15.18 -25.55
C VAL B 114 34.17 14.54 -26.85
N SER B 115 33.20 14.09 -27.66
CA SER B 115 33.49 13.47 -28.95
C SER B 115 32.47 13.97 -29.97
N ILE B 116 32.87 13.92 -31.24
CA ILE B 116 32.02 14.34 -32.36
C ILE B 116 32.07 13.26 -33.43
N PHE B 117 30.90 12.91 -33.96
CA PHE B 117 30.79 11.93 -35.02
C PHE B 117 30.09 12.56 -36.22
N PRO B 118 30.61 12.38 -37.44
CA PRO B 118 30.00 13.03 -38.59
C PRO B 118 28.65 12.43 -38.91
N PRO B 119 27.74 13.19 -39.52
CA PRO B 119 26.49 12.60 -39.99
C PRO B 119 26.74 11.49 -41.00
N SER B 120 25.91 10.46 -40.94
CA SER B 120 26.09 9.31 -41.82
C SER B 120 25.75 9.66 -43.26
N SER B 121 26.43 8.98 -44.19
CA SER B 121 26.14 9.20 -45.60
C SER B 121 24.74 8.76 -45.97
N GLU B 122 24.24 7.68 -45.35
CA GLU B 122 22.89 7.23 -45.62
C GLU B 122 21.86 8.28 -45.19
N GLN B 123 22.09 8.92 -44.04
CA GLN B 123 21.19 9.98 -43.59
C GLN B 123 21.21 11.16 -44.56
N LEU B 124 22.39 11.52 -45.05
CA LEU B 124 22.48 12.63 -46.01
C LEU B 124 21.77 12.28 -47.32
N THR B 125 21.90 11.03 -47.76
CA THR B 125 21.17 10.59 -48.95
C THR B 125 19.66 10.64 -48.70
N SER B 126 19.22 10.27 -47.50
CA SER B 126 17.80 10.34 -47.17
C SER B 126 17.29 11.78 -47.22
N GLY B 127 18.07 12.72 -46.69
CA GLY B 127 17.68 14.12 -46.73
C GLY B 127 17.82 14.84 -45.41
N GLY B 128 18.47 14.20 -44.43
CA GLY B 128 18.66 14.79 -43.13
C GLY B 128 20.11 14.66 -42.67
N ALA B 129 20.39 15.29 -41.54
CA ALA B 129 21.73 15.25 -40.96
C ALA B 129 21.61 15.45 -39.46
N SER B 130 22.12 14.48 -38.69
CA SER B 130 22.10 14.54 -37.23
C SER B 130 23.55 14.59 -36.74
N VAL B 131 23.97 15.76 -36.28
CA VAL B 131 25.30 15.95 -35.71
C VAL B 131 25.26 15.50 -34.26
N VAL B 132 26.24 14.68 -33.87
CA VAL B 132 26.22 13.99 -32.58
C VAL B 132 27.39 14.47 -31.74
N CYS B 133 27.11 14.84 -30.49
CA CYS B 133 28.12 15.20 -29.51
C CYS B 133 28.00 14.23 -28.33
N PHE B 134 29.09 13.57 -27.99
CA PHE B 134 29.11 12.49 -27.01
C PHE B 134 30.02 12.88 -25.85
N LEU B 135 29.41 13.18 -24.69
CA LEU B 135 30.15 13.50 -23.48
C LEU B 135 30.04 12.32 -22.51
N ASN B 136 31.19 11.80 -22.09
CA ASN B 136 31.24 10.57 -21.31
C ASN B 136 32.06 10.77 -20.04
N ASN B 137 31.58 10.17 -18.95
CA ASN B 137 32.32 10.03 -17.69
C ASN B 137 32.71 11.39 -17.12
N PHE B 138 31.69 12.17 -16.75
CA PHE B 138 31.87 13.43 -16.07
C PHE B 138 31.08 13.44 -14.77
N TYR B 139 31.66 14.06 -13.74
CA TYR B 139 31.03 14.22 -12.44
C TYR B 139 31.27 15.65 -11.97
N PRO B 140 30.26 16.31 -11.41
CA PRO B 140 28.91 15.81 -11.12
C PRO B 140 27.96 15.82 -12.32
N LYS B 141 26.67 15.64 -12.04
CA LYS B 141 25.68 15.55 -13.10
C LYS B 141 25.55 16.87 -13.88
N ASP B 142 25.59 17.99 -13.18
CA ASP B 142 25.33 19.28 -13.80
C ASP B 142 26.39 19.58 -14.87
N ILE B 143 25.93 19.95 -16.06
CA ILE B 143 26.80 20.27 -17.18
C ILE B 143 25.96 20.96 -18.25
N ASN B 144 26.56 21.89 -19.00
CA ASN B 144 25.85 22.58 -20.06
C ASN B 144 26.57 22.38 -21.39
N VAL B 145 25.80 22.39 -22.47
CA VAL B 145 26.33 22.17 -23.82
C VAL B 145 25.82 23.27 -24.74
N LYS B 146 26.60 23.53 -25.79
CA LYS B 146 26.26 24.55 -26.77
C LYS B 146 26.69 24.08 -28.16
N TRP B 147 25.82 24.32 -29.14
CA TRP B 147 26.08 23.99 -30.53
C TRP B 147 26.31 25.29 -31.30
N LYS B 148 27.43 25.38 -32.01
CA LYS B 148 27.78 26.57 -32.76
C LYS B 148 28.02 26.20 -34.22
N ILE B 149 27.44 26.99 -35.12
CA ILE B 149 27.56 26.79 -36.56
C ILE B 149 28.41 27.92 -37.12
N ASP B 150 29.60 27.56 -37.62
CA ASP B 150 30.55 28.54 -38.19
C ASP B 150 30.83 29.66 -37.19
N GLY B 151 30.95 29.29 -35.92
CA GLY B 151 31.20 30.26 -34.87
C GLY B 151 29.98 31.01 -34.38
N SER B 152 28.78 30.65 -34.85
CA SER B 152 27.55 31.33 -34.45
C SER B 152 26.69 30.36 -33.63
N GLU B 153 26.20 30.83 -32.50
CA GLU B 153 25.39 30.00 -31.62
C GLU B 153 24.03 29.70 -32.26
N ARG B 154 23.55 28.48 -32.06
CA ARG B 154 22.24 28.07 -32.54
C ARG B 154 21.70 27.00 -31.61
N GLN B 155 20.64 27.32 -30.88
CA GLN B 155 20.01 26.38 -29.95
C GLN B 155 18.84 25.63 -30.57
N ASN B 156 18.55 25.85 -31.84
CA ASN B 156 17.42 25.19 -32.49
C ASN B 156 17.74 23.72 -32.75
N GLY B 157 16.76 22.86 -32.48
CA GLY B 157 16.88 21.45 -32.76
C GLY B 157 17.96 20.74 -31.97
N VAL B 158 18.04 21.02 -30.68
CA VAL B 158 19.00 20.39 -29.78
C VAL B 158 18.24 19.38 -28.92
N LEU B 159 18.65 18.12 -28.98
CA LEU B 159 18.03 17.05 -28.21
C LEU B 159 19.08 16.47 -27.28
N ASN B 160 18.81 16.52 -25.98
CA ASN B 160 19.77 16.12 -24.95
C ASN B 160 19.27 14.88 -24.22
N SER B 161 20.15 13.89 -24.07
CA SER B 161 19.85 12.67 -23.34
C SER B 161 20.91 12.43 -22.28
N TRP B 162 20.48 12.27 -21.04
CA TRP B 162 21.37 11.98 -19.93
C TRP B 162 21.51 10.47 -19.75
N THR B 163 22.29 10.07 -18.76
CA THR B 163 22.35 8.70 -18.26
C THR B 163 22.18 8.71 -16.75
N ASP B 164 22.40 7.55 -16.15
CA ASP B 164 22.38 7.40 -14.70
C ASP B 164 23.76 6.99 -14.21
N GLN B 165 23.93 7.01 -12.89
CA GLN B 165 25.22 6.70 -12.30
C GLN B 165 25.65 5.29 -12.68
N ASP B 166 26.88 5.15 -13.15
CA ASP B 166 27.41 3.86 -13.56
C ASP B 166 27.82 3.04 -12.34
N SER B 167 27.56 1.74 -12.38
CA SER B 167 27.94 0.87 -11.28
C SER B 167 29.45 0.76 -11.13
N LYS B 168 30.20 1.03 -12.20
CA LYS B 168 31.65 0.87 -12.15
C LYS B 168 32.31 2.08 -11.51
N ASP B 169 32.15 3.26 -12.12
CA ASP B 169 32.86 4.45 -11.69
C ASP B 169 31.97 5.56 -11.15
N SER B 170 30.65 5.34 -11.07
CA SER B 170 29.71 6.31 -10.50
C SER B 170 29.79 7.67 -11.20
N THR B 171 29.89 7.63 -12.53
CA THR B 171 29.91 8.83 -13.35
C THR B 171 28.63 8.91 -14.18
N TYR B 172 28.56 9.93 -15.03
CA TYR B 172 27.40 10.17 -15.88
C TYR B 172 27.85 10.22 -17.34
N SER B 173 26.91 10.56 -18.22
CA SER B 173 27.19 10.69 -19.65
C SER B 173 26.14 11.60 -20.27
N MET B 174 26.33 11.90 -21.55
CA MET B 174 25.47 12.85 -22.24
C MET B 174 25.52 12.59 -23.75
N SER B 175 24.37 12.79 -24.40
CA SER B 175 24.30 12.79 -25.85
C SER B 175 23.54 14.02 -26.32
N SER B 176 24.14 14.78 -27.23
CA SER B 176 23.50 15.95 -27.82
C SER B 176 23.34 15.70 -29.31
N THR B 177 22.11 15.83 -29.80
CA THR B 177 21.79 15.60 -31.20
C THR B 177 21.28 16.90 -31.82
N LEU B 178 21.88 17.29 -32.94
CA LEU B 178 21.45 18.44 -33.73
C LEU B 178 20.90 17.90 -35.04
N THR B 179 19.58 17.93 -35.19
CA THR B 179 18.91 17.38 -36.36
C THR B 179 18.50 18.50 -37.29
N LEU B 180 19.04 18.49 -38.51
CA LEU B 180 18.73 19.50 -39.51
C LEU B 180 18.51 18.82 -40.85
N THR B 181 18.08 19.59 -41.83
CA THR B 181 17.91 19.08 -43.18
C THR B 181 19.27 18.97 -43.87
N LYS B 182 19.29 18.24 -44.99
CA LYS B 182 20.52 18.12 -45.77
C LYS B 182 20.93 19.47 -46.33
N ASP B 183 19.97 20.28 -46.77
CA ASP B 183 20.28 21.62 -47.26
C ASP B 183 20.87 22.48 -46.15
N GLU B 184 20.33 22.37 -44.93
CA GLU B 184 20.88 23.12 -43.81
C GLU B 184 22.31 22.70 -43.51
N TYR B 185 22.58 21.39 -43.58
CA TYR B 185 23.94 20.91 -43.36
C TYR B 185 24.89 21.36 -44.46
N GLU B 186 24.36 21.54 -45.69
CA GLU B 186 25.20 22.03 -46.77
C GLU B 186 25.50 23.51 -46.64
N ARG B 187 24.60 24.27 -46.00
CA ARG B 187 24.77 25.72 -45.91
C ARG B 187 25.96 26.12 -45.04
N HIS B 188 26.39 25.25 -44.12
CA HIS B 188 27.49 25.57 -43.23
C HIS B 188 28.48 24.42 -43.22
N ASN B 189 29.73 24.72 -42.86
CA ASN B 189 30.81 23.76 -42.89
C ASN B 189 31.43 23.48 -41.54
N SER B 190 31.47 24.45 -40.64
CA SER B 190 32.12 24.30 -39.34
C SER B 190 31.05 24.09 -38.27
N TYR B 191 31.18 23.00 -37.51
CA TYR B 191 30.27 22.68 -36.43
C TYR B 191 31.06 22.44 -35.16
N THR B 192 30.74 23.17 -34.10
CA THR B 192 31.48 23.10 -32.84
C THR B 192 30.55 22.75 -31.69
N CYS B 193 30.96 21.79 -30.89
CA CYS B 193 30.26 21.41 -29.67
C CYS B 193 31.08 21.89 -28.48
N GLU B 194 30.49 22.74 -27.64
CA GLU B 194 31.18 23.33 -26.51
C GLU B 194 30.53 22.84 -25.22
N ALA B 195 31.37 22.38 -24.28
CA ALA B 195 30.90 21.84 -23.02
C ALA B 195 31.40 22.71 -21.88
N THR B 196 30.48 23.17 -21.04
CA THR B 196 30.81 23.93 -19.83
C THR B 196 30.51 23.07 -18.62
N HIS B 197 31.52 22.86 -17.78
CA HIS B 197 31.42 21.99 -16.62
C HIS B 197 32.18 22.64 -15.46
N LYS B 198 31.88 22.17 -14.24
CA LYS B 198 32.50 22.74 -13.05
C LYS B 198 34.00 22.49 -13.02
N THR B 199 34.45 21.36 -13.58
CA THR B 199 35.86 20.98 -13.47
C THR B 199 36.78 22.01 -14.13
N SER B 200 36.40 22.49 -15.31
CA SER B 200 37.22 23.45 -16.05
C SER B 200 36.38 24.67 -16.41
N THR B 201 36.88 25.85 -16.07
CA THR B 201 36.19 27.08 -16.44
C THR B 201 36.15 27.25 -17.96
N SER B 202 37.25 26.95 -18.63
CA SER B 202 37.31 27.05 -20.08
C SER B 202 36.51 25.91 -20.69
N PRO B 203 35.51 26.18 -21.53
CA PRO B 203 34.72 25.10 -22.12
C PRO B 203 35.56 24.21 -23.02
N ILE B 204 35.24 22.93 -23.02
CA ILE B 204 35.89 21.98 -23.92
C ILE B 204 35.18 22.06 -25.27
N VAL B 205 35.94 22.38 -26.32
CA VAL B 205 35.39 22.63 -27.65
C VAL B 205 35.89 21.54 -28.59
N LYS B 206 34.95 20.87 -29.27
CA LYS B 206 35.28 19.91 -30.32
C LYS B 206 34.71 20.41 -31.63
N SER B 207 35.57 20.51 -32.64
CA SER B 207 35.22 21.11 -33.92
C SER B 207 35.27 20.07 -35.03
N PHE B 208 34.38 20.22 -36.00
CA PHE B 208 34.38 19.39 -37.20
C PHE B 208 34.08 20.25 -38.41
N ASN B 209 34.86 20.10 -39.47
CA ASN B 209 34.70 20.86 -40.70
C ASN B 209 34.49 19.90 -41.86
N ARG B 210 33.39 20.07 -42.58
CA ARG B 210 33.10 19.25 -43.74
C ARG B 210 33.84 19.71 -44.99
N ASN B 211 34.46 20.90 -44.95
CA ASN B 211 35.25 21.36 -46.09
C ASN B 211 36.43 20.42 -46.35
N GLU B 212 37.09 19.97 -45.28
CA GLU B 212 38.19 19.02 -45.39
C GLU B 212 37.72 17.58 -45.20
N CYS B 213 36.42 17.32 -45.36
CA CYS B 213 35.84 15.99 -45.22
C CYS B 213 36.09 15.40 -43.83
N GLU C 1 7.81 -19.77 -2.73
CA GLU C 1 8.32 -18.83 -3.72
C GLU C 1 7.20 -18.04 -4.39
N VAL C 2 6.69 -17.03 -3.67
CA VAL C 2 5.63 -16.19 -4.21
C VAL C 2 6.15 -15.43 -5.43
N GLN C 3 5.36 -15.43 -6.50
CA GLN C 3 5.75 -14.76 -7.73
C GLN C 3 4.49 -14.30 -8.45
N LEU C 4 4.48 -13.03 -8.85
CA LEU C 4 3.39 -12.47 -9.64
C LEU C 4 3.90 -12.13 -11.03
N GLN C 5 3.22 -12.62 -12.05
CA GLN C 5 3.65 -12.49 -13.44
C GLN C 5 2.74 -11.50 -14.17
N GLN C 6 3.36 -10.54 -14.85
CA GLN C 6 2.66 -9.54 -15.63
C GLN C 6 3.25 -9.45 -17.03
N PRO C 7 2.48 -8.95 -18.00
CA PRO C 7 3.04 -8.71 -19.34
C PRO C 7 4.13 -7.65 -19.32
N GLY C 8 4.77 -7.43 -20.46
CA GLY C 8 5.87 -6.47 -20.52
C GLY C 8 5.41 -5.07 -20.87
N ALA C 9 4.64 -4.94 -21.95
CA ALA C 9 4.15 -3.64 -22.39
C ALA C 9 2.94 -3.86 -23.28
N GLU C 10 1.95 -2.96 -23.15
CA GLU C 10 0.72 -3.05 -23.94
C GLU C 10 0.45 -1.67 -24.53
N LEU C 11 0.70 -1.52 -25.83
CA LEU C 11 0.41 -0.27 -26.52
C LEU C 11 -1.06 -0.22 -26.91
N VAL C 12 -1.71 0.90 -26.62
CA VAL C 12 -3.12 1.10 -26.93
C VAL C 12 -3.27 2.43 -27.65
N LYS C 13 -4.48 2.68 -28.14
CA LYS C 13 -4.82 3.93 -28.81
C LYS C 13 -5.63 4.82 -27.87
N PRO C 14 -5.51 6.14 -27.99
CA PRO C 14 -6.27 7.03 -27.11
C PRO C 14 -7.77 6.81 -27.26
N GLY C 15 -8.46 6.85 -26.13
CA GLY C 15 -9.89 6.61 -26.10
C GLY C 15 -10.30 5.15 -26.04
N ALA C 16 -9.35 4.22 -26.15
CA ALA C 16 -9.64 2.81 -26.13
C ALA C 16 -9.57 2.29 -24.69
N SER C 17 -9.59 0.97 -24.52
CA SER C 17 -9.53 0.35 -23.21
C SER C 17 -8.54 -0.79 -23.23
N VAL C 18 -7.97 -1.07 -22.06
CA VAL C 18 -7.00 -2.15 -21.89
C VAL C 18 -7.36 -2.92 -20.63
N LYS C 19 -6.96 -4.19 -20.59
CA LYS C 19 -7.21 -5.05 -19.43
C LYS C 19 -5.88 -5.67 -19.02
N LEU C 20 -5.25 -5.11 -17.98
CA LEU C 20 -4.01 -5.64 -17.46
C LEU C 20 -4.28 -6.82 -16.54
N SER C 21 -3.38 -7.81 -16.58
CA SER C 21 -3.54 -9.04 -15.82
C SER C 21 -2.32 -9.27 -14.94
N CYS C 22 -2.56 -9.96 -13.82
CA CYS C 22 -1.51 -10.32 -12.87
C CYS C 22 -1.78 -11.74 -12.42
N LYS C 23 -0.90 -12.67 -12.80
CA LYS C 23 -1.06 -14.08 -12.50
C LYS C 23 -0.18 -14.45 -11.33
N THR C 24 -0.76 -15.06 -10.31
CA THR C 24 -0.06 -15.41 -9.09
C THR C 24 0.21 -16.91 -9.02
N SER C 25 1.23 -17.27 -8.25
CA SER C 25 1.60 -18.66 -8.05
C SER C 25 2.54 -18.80 -6.85
N GLY C 26 2.38 -19.87 -6.08
CA GLY C 26 3.23 -20.14 -4.95
C GLY C 26 2.65 -19.78 -3.59
N TYR C 27 1.39 -19.38 -3.53
CA TYR C 27 0.76 -19.02 -2.26
C TYR C 27 -0.75 -19.17 -2.41
N THR C 28 -1.42 -19.27 -1.26
CA THR C 28 -2.88 -19.37 -1.23
C THR C 28 -3.47 -18.08 -1.77
N PHE C 29 -4.09 -18.15 -2.94
CA PHE C 29 -4.51 -16.94 -3.64
C PHE C 29 -5.52 -16.14 -2.85
N THR C 30 -6.47 -16.82 -2.20
CA THR C 30 -7.57 -16.15 -1.50
C THR C 30 -7.22 -15.77 -0.07
N ASN C 31 -5.93 -15.55 0.22
CA ASN C 31 -5.50 -15.25 1.58
C ASN C 31 -5.00 -13.83 1.78
N TYR C 32 -4.60 -13.13 0.71
CA TYR C 32 -4.10 -11.77 0.83
C TYR C 32 -4.74 -10.89 -0.23
N TRP C 33 -4.92 -9.62 0.13
CA TRP C 33 -5.44 -8.62 -0.79
C TRP C 33 -4.43 -8.34 -1.91
N MET C 34 -4.94 -7.92 -3.07
CA MET C 34 -4.11 -7.51 -4.19
C MET C 34 -4.29 -6.02 -4.41
N LYS C 35 -3.19 -5.28 -4.41
CA LYS C 35 -3.20 -3.85 -4.62
C LYS C 35 -2.57 -3.53 -5.98
N TRP C 36 -2.98 -2.41 -6.56
CA TRP C 36 -2.45 -1.98 -7.84
C TRP C 36 -1.85 -0.59 -7.70
N VAL C 37 -0.63 -0.42 -8.21
CA VAL C 37 0.15 0.80 -8.03
C VAL C 37 0.57 1.32 -9.40
N LYS C 38 0.51 2.64 -9.57
CA LYS C 38 0.85 3.29 -10.83
C LYS C 38 2.07 4.18 -10.63
N GLN C 39 3.03 4.07 -11.54
CA GLN C 39 4.27 4.87 -11.50
C GLN C 39 4.45 5.57 -12.83
N ARG C 40 4.21 6.88 -12.85
CA ARG C 40 4.45 7.68 -14.05
C ARG C 40 5.91 8.16 -14.08
N PRO C 41 6.56 8.13 -15.23
CA PRO C 41 7.93 8.65 -15.31
C PRO C 41 7.97 10.15 -15.14
N GLY C 42 8.48 10.60 -14.00
CA GLY C 42 8.52 12.02 -13.68
C GLY C 42 7.78 12.33 -12.40
N GLN C 43 6.65 11.67 -12.19
CA GLN C 43 5.90 11.80 -10.96
C GLN C 43 6.31 10.67 -10.01
N GLY C 44 5.56 10.50 -8.91
CA GLY C 44 5.82 9.46 -7.95
C GLY C 44 4.81 8.33 -8.03
N LEU C 45 4.99 7.36 -7.14
CA LEU C 45 4.07 6.24 -7.06
C LEU C 45 2.68 6.70 -6.64
N GLU C 46 1.66 6.08 -7.22
CA GLU C 46 0.27 6.35 -6.86
C GLU C 46 -0.43 5.02 -6.60
N TRP C 47 -1.37 5.04 -5.66
CA TRP C 47 -2.11 3.84 -5.27
C TRP C 47 -3.47 3.88 -5.96
N ILE C 48 -3.77 2.82 -6.72
CA ILE C 48 -4.99 2.78 -7.52
C ILE C 48 -6.13 2.17 -6.72
N GLY C 49 -5.95 0.94 -6.24
CA GLY C 49 -6.99 0.28 -5.49
C GLY C 49 -6.54 -1.06 -4.98
N GLU C 50 -7.45 -1.71 -4.25
CA GLU C 50 -7.24 -3.03 -3.68
C GLU C 50 -8.45 -3.91 -4.00
N ILE C 51 -8.23 -5.21 -3.95
CA ILE C 51 -9.30 -6.18 -4.16
C ILE C 51 -9.02 -7.41 -3.33
N ASN C 52 -10.07 -7.97 -2.74
CA ASN C 52 -9.97 -9.17 -1.92
C ASN C 52 -10.39 -10.37 -2.76
N PRO C 53 -9.49 -11.33 -3.03
CA PRO C 53 -9.85 -12.46 -3.91
C PRO C 53 -10.92 -13.37 -3.35
N SER C 54 -11.18 -13.36 -2.04
CA SER C 54 -12.10 -14.33 -1.45
C SER C 54 -13.44 -13.68 -1.10
N ASN C 55 -13.55 -12.36 -1.24
CA ASN C 55 -14.77 -11.67 -0.88
C ASN C 55 -15.21 -10.74 -2.00
N GLY C 56 -14.25 -10.24 -2.78
CA GLY C 56 -14.55 -9.30 -3.83
C GLY C 56 -14.68 -7.86 -3.39
N GLY C 57 -14.47 -7.57 -2.10
CA GLY C 57 -14.53 -6.20 -1.64
C GLY C 57 -13.40 -5.37 -2.22
N THR C 58 -13.71 -4.15 -2.62
CA THR C 58 -12.77 -3.31 -3.37
C THR C 58 -12.78 -1.90 -2.80
N ASN C 59 -11.62 -1.44 -2.36
CA ASN C 59 -11.40 -0.02 -2.10
C ASN C 59 -10.65 0.59 -3.28
N TYR C 60 -11.05 1.80 -3.66
CA TYR C 60 -10.46 2.49 -4.79
C TYR C 60 -9.92 3.84 -4.37
N ASN C 61 -9.10 4.42 -5.24
CA ASN C 61 -8.65 5.79 -5.09
C ASN C 61 -9.79 6.74 -5.44
N GLY C 62 -9.73 7.95 -4.89
CA GLY C 62 -10.74 8.94 -5.22
C GLY C 62 -10.70 9.34 -6.68
N LYS C 63 -9.50 9.48 -7.25
CA LYS C 63 -9.32 9.90 -8.62
C LYS C 63 -9.23 8.74 -9.60
N PHE C 64 -9.31 7.50 -9.12
CA PHE C 64 -9.21 6.32 -9.99
C PHE C 64 -10.46 5.45 -9.88
N LYS C 65 -11.55 6.00 -9.34
CA LYS C 65 -12.77 5.22 -9.19
C LYS C 65 -13.53 5.03 -10.50
N SER C 66 -13.57 6.06 -11.34
CA SER C 66 -14.27 5.99 -12.61
C SER C 66 -13.41 5.46 -13.74
N LYS C 67 -12.13 5.20 -13.49
CA LYS C 67 -11.20 4.76 -14.53
C LYS C 67 -10.76 3.32 -14.40
N ALA C 68 -10.56 2.82 -13.18
CA ALA C 68 -10.09 1.46 -12.95
C ALA C 68 -11.22 0.59 -12.44
N SER C 69 -11.10 -0.72 -12.67
CA SER C 69 -12.10 -1.68 -12.21
C SER C 69 -11.39 -3.03 -12.03
N LEU C 70 -11.19 -3.42 -10.78
CA LEU C 70 -10.46 -4.63 -10.45
C LEU C 70 -11.39 -5.84 -10.42
N THR C 71 -10.95 -6.94 -11.01
CA THR C 71 -11.68 -8.20 -11.01
C THR C 71 -10.75 -9.33 -10.60
N VAL C 72 -11.33 -10.46 -10.23
CA VAL C 72 -10.59 -11.64 -9.81
C VAL C 72 -11.20 -12.88 -10.44
N ASP C 73 -10.33 -13.77 -10.93
CA ASP C 73 -10.71 -15.12 -11.32
C ASP C 73 -9.92 -16.09 -10.45
N LYS C 74 -10.60 -16.69 -9.46
CA LYS C 74 -9.93 -17.60 -8.54
C LYS C 74 -9.63 -18.94 -9.19
N SER C 75 -10.29 -19.28 -10.30
CA SER C 75 -10.03 -20.54 -10.97
C SER C 75 -8.60 -20.60 -11.48
N SER C 76 -8.13 -19.52 -12.09
CA SER C 76 -6.75 -19.42 -12.55
C SER C 76 -5.87 -18.61 -11.60
N SER C 77 -6.43 -18.14 -10.49
CA SER C 77 -5.73 -17.31 -9.53
C SER C 77 -5.11 -16.08 -10.20
N THR C 78 -5.98 -15.27 -10.80
CA THR C 78 -5.55 -14.12 -11.59
C THR C 78 -6.33 -12.88 -11.18
N ALA C 79 -5.66 -11.74 -11.19
CA ALA C 79 -6.29 -10.46 -10.93
C ALA C 79 -6.23 -9.59 -12.19
N TYR C 80 -7.25 -8.75 -12.36
CA TYR C 80 -7.37 -7.93 -13.56
C TYR C 80 -7.68 -6.49 -13.18
N MET C 81 -7.14 -5.56 -13.96
CA MET C 81 -7.51 -4.16 -13.88
C MET C 81 -7.90 -3.67 -15.27
N GLN C 82 -9.10 -3.10 -15.38
CA GLN C 82 -9.61 -2.62 -16.66
C GLN C 82 -9.50 -1.10 -16.69
N LEU C 83 -8.62 -0.58 -17.54
CA LEU C 83 -8.51 0.85 -17.76
C LEU C 83 -9.30 1.24 -19.00
N SER C 84 -10.05 2.33 -18.87
CA SER C 84 -10.92 2.79 -19.94
C SER C 84 -10.74 4.29 -20.13
N SER C 85 -11.02 4.75 -21.35
CA SER C 85 -10.85 6.15 -21.74
C SER C 85 -9.42 6.61 -21.48
N LEU C 86 -8.47 5.89 -22.07
CA LEU C 86 -7.05 6.12 -21.81
C LEU C 86 -6.61 7.38 -22.54
N THR C 87 -6.31 8.42 -21.79
CA THR C 87 -5.78 9.66 -22.36
C THR C 87 -4.25 9.54 -22.46
N SER C 88 -3.59 10.66 -22.77
CA SER C 88 -2.13 10.65 -22.87
C SER C 88 -1.46 10.65 -21.50
N GLU C 89 -2.20 11.03 -20.45
CA GLU C 89 -1.65 11.08 -19.11
C GLU C 89 -1.75 9.74 -18.40
N ASP C 90 -2.00 8.67 -19.16
CA ASP C 90 -2.15 7.33 -18.61
C ASP C 90 -1.01 6.41 -19.01
N SER C 91 0.11 6.97 -19.48
CA SER C 91 1.30 6.19 -19.80
C SER C 91 2.16 6.08 -18.55
N ALA C 92 2.27 4.88 -18.01
CA ALA C 92 2.97 4.65 -16.75
C ALA C 92 3.29 3.16 -16.65
N VAL C 93 3.79 2.75 -15.49
CA VAL C 93 4.06 1.35 -15.19
C VAL C 93 3.11 0.93 -14.08
N TYR C 94 2.41 -0.18 -14.28
CA TYR C 94 1.40 -0.65 -13.35
C TYR C 94 1.89 -1.93 -12.69
N TYR C 95 1.97 -1.92 -11.36
CA TYR C 95 2.42 -3.06 -10.59
C TYR C 95 1.25 -3.65 -9.80
N CYS C 96 1.26 -4.98 -9.67
CA CYS C 96 0.36 -5.69 -8.77
C CYS C 96 1.17 -6.15 -7.57
N THR C 97 0.64 -5.91 -6.37
CA THR C 97 1.38 -6.10 -5.14
C THR C 97 0.55 -6.89 -4.14
N ILE C 98 1.23 -7.71 -3.35
CA ILE C 98 0.63 -8.35 -2.18
C ILE C 98 1.56 -8.11 -0.98
N LEU C 99 0.95 -7.86 0.18
CA LEU C 99 1.68 -7.56 1.41
C LEU C 99 1.30 -8.57 2.46
N VAL C 100 2.27 -9.37 2.90
CA VAL C 100 2.10 -10.31 4.00
C VAL C 100 2.44 -9.57 5.28
N TYR C 101 1.46 -9.48 6.19
CA TYR C 101 1.60 -8.65 7.38
C TYR C 101 0.93 -9.35 8.55
N ASP C 102 1.72 -9.68 9.58
CA ASP C 102 1.17 -10.24 10.81
C ASP C 102 1.63 -9.41 12.00
N ALA C 103 0.66 -8.94 12.78
CA ALA C 103 0.94 -8.29 14.06
C ALA C 103 0.96 -9.26 15.22
N TYR C 104 0.42 -10.46 15.04
CA TYR C 104 0.55 -11.50 16.06
C TYR C 104 2.01 -11.91 16.20
N TYR C 105 2.59 -12.46 15.14
CA TYR C 105 4.03 -12.58 14.99
C TYR C 105 4.46 -11.42 14.13
N VAL C 106 4.90 -10.33 14.75
CA VAL C 106 5.11 -9.08 14.04
C VAL C 106 6.15 -9.27 12.94
N PHE C 107 5.71 -9.07 11.70
CA PHE C 107 6.54 -9.28 10.51
C PHE C 107 5.77 -8.81 9.29
N ALA C 108 6.52 -8.35 8.28
CA ALA C 108 5.93 -7.86 7.04
C ALA C 108 6.86 -8.21 5.88
N MET C 109 6.26 -8.41 4.72
CA MET C 109 7.01 -8.74 3.51
C MET C 109 6.17 -8.34 2.30
N ASP C 110 6.87 -7.93 1.24
CA ASP C 110 6.22 -7.47 0.02
C ASP C 110 6.47 -8.45 -1.12
N TYR C 111 5.54 -8.49 -2.07
CA TYR C 111 5.74 -9.21 -3.33
C TYR C 111 5.11 -8.37 -4.43
N TRP C 112 5.95 -7.84 -5.32
CA TRP C 112 5.54 -6.98 -6.40
C TRP C 112 5.63 -7.71 -7.74
N GLY C 113 5.00 -7.13 -8.76
CA GLY C 113 5.13 -7.58 -10.11
C GLY C 113 6.18 -6.77 -10.85
N LEU C 114 6.66 -7.33 -11.96
CA LEU C 114 7.70 -6.64 -12.73
C LEU C 114 7.19 -5.36 -13.37
N GLY C 115 5.87 -5.23 -13.54
CA GLY C 115 5.31 -4.03 -14.11
C GLY C 115 4.81 -4.21 -15.53
N THR C 116 3.94 -3.30 -15.97
CA THR C 116 3.39 -3.34 -17.33
C THR C 116 3.43 -1.92 -17.88
N SER C 117 4.40 -1.65 -18.75
CA SER C 117 4.60 -0.31 -19.29
C SER C 117 3.53 -0.03 -20.33
N VAL C 118 2.40 0.50 -19.88
CA VAL C 118 1.30 0.88 -20.77
C VAL C 118 1.64 2.22 -21.40
N THR C 119 1.58 2.29 -22.72
CA THR C 119 1.88 3.51 -23.46
C THR C 119 0.82 3.72 -24.53
N VAL C 120 0.08 4.83 -24.42
CA VAL C 120 -0.85 5.19 -25.48
C VAL C 120 -0.03 5.60 -26.71
N SER C 121 -0.36 5.01 -27.86
CA SER C 121 0.47 5.11 -29.04
C SER C 121 -0.01 6.18 -30.01
N SER C 122 -1.24 6.06 -30.52
CA SER C 122 -1.79 6.97 -31.51
C SER C 122 -0.89 7.06 -32.75
N ALA C 123 -0.01 6.08 -32.94
CA ALA C 123 0.93 6.09 -34.05
C ALA C 123 1.21 4.65 -34.49
N LYS C 124 1.65 4.52 -35.74
CA LYS C 124 1.95 3.21 -36.30
C LYS C 124 3.33 2.74 -35.88
N THR C 125 3.49 1.43 -35.75
CA THR C 125 4.80 0.85 -35.46
C THR C 125 5.74 1.10 -36.63
N THR C 126 6.97 1.48 -36.31
CA THR C 126 7.96 1.86 -37.30
C THR C 126 9.26 1.11 -37.04
N PRO C 127 9.91 0.57 -38.07
CA PRO C 127 11.20 -0.10 -37.85
C PRO C 127 12.33 0.92 -37.83
N PRO C 128 13.39 0.64 -37.08
CA PRO C 128 14.44 1.65 -36.89
C PRO C 128 15.32 1.84 -38.12
N SER C 129 15.99 2.98 -38.15
CA SER C 129 16.99 3.32 -39.17
C SER C 129 18.31 3.54 -38.44
N VAL C 130 19.13 2.50 -38.38
CA VAL C 130 20.35 2.50 -37.57
C VAL C 130 21.45 3.13 -38.42
N TYR C 131 21.60 4.45 -38.29
CA TYR C 131 22.68 5.15 -38.95
C TYR C 131 23.97 4.97 -38.16
N PRO C 132 25.02 4.39 -38.73
CA PRO C 132 26.26 4.20 -37.99
C PRO C 132 27.03 5.50 -37.81
N LEU C 133 27.83 5.54 -36.75
CA LEU C 133 28.70 6.67 -36.44
C LEU C 133 30.14 6.17 -36.38
N ALA C 134 31.02 6.82 -37.13
CA ALA C 134 32.42 6.45 -37.20
C ALA C 134 33.28 7.64 -36.81
N PRO C 135 34.26 7.47 -35.91
CA PRO C 135 35.11 8.59 -35.52
C PRO C 135 35.89 9.13 -36.71
N GLY C 136 36.06 10.45 -36.74
CA GLY C 136 36.75 11.07 -37.85
C GLY C 136 38.22 10.72 -37.89
N SER C 137 38.77 10.72 -39.11
CA SER C 137 40.19 10.43 -39.28
C SER C 137 41.06 11.56 -38.75
N ALA C 138 40.58 12.80 -38.81
CA ALA C 138 41.35 13.92 -38.30
C ALA C 138 41.56 13.83 -36.79
N ALA C 139 40.63 13.19 -36.08
CA ALA C 139 40.77 13.02 -34.64
C ALA C 139 41.97 12.14 -34.33
N GLN C 140 42.64 12.44 -33.22
CA GLN C 140 43.84 11.69 -32.84
C GLN C 140 43.50 10.24 -32.57
N THR C 141 44.32 9.34 -33.11
CA THR C 141 44.16 7.92 -32.84
C THR C 141 44.62 7.60 -31.43
N ASN C 142 43.76 6.94 -30.66
CA ASN C 142 44.03 6.64 -29.26
C ASN C 142 43.82 5.15 -29.01
N SER C 143 44.38 4.67 -27.90
CA SER C 143 44.25 3.26 -27.56
C SER C 143 42.80 2.84 -27.38
N MET C 144 41.97 3.74 -26.86
CA MET C 144 40.54 3.49 -26.67
C MET C 144 39.77 4.32 -27.69
N VAL C 145 38.94 3.65 -28.49
CA VAL C 145 38.14 4.30 -29.53
C VAL C 145 36.67 4.10 -29.20
N THR C 146 35.89 5.16 -29.37
CA THR C 146 34.44 5.12 -29.12
C THR C 146 33.72 4.93 -30.45
N LEU C 147 32.80 3.96 -30.47
CA LEU C 147 32.00 3.66 -31.65
C LEU C 147 30.52 3.67 -31.28
N GLY C 148 29.70 4.22 -32.16
CA GLY C 148 28.27 4.29 -31.91
C GLY C 148 27.48 4.12 -33.19
N CYS C 149 26.19 3.83 -33.02
CA CYS C 149 25.26 3.69 -34.13
C CYS C 149 23.94 4.34 -33.71
N LEU C 150 23.71 5.56 -34.18
CA LEU C 150 22.48 6.28 -33.86
C LEU C 150 21.28 5.52 -34.41
N VAL C 151 20.26 5.34 -33.55
CA VAL C 151 19.03 4.66 -33.91
C VAL C 151 17.91 5.68 -33.90
N LYS C 152 17.24 5.85 -35.04
CA LYS C 152 16.27 6.92 -35.23
C LYS C 152 15.01 6.38 -35.89
N GLY C 153 13.90 7.09 -35.65
CA GLY C 153 12.65 6.84 -36.33
C GLY C 153 12.08 5.45 -36.16
N TYR C 154 11.63 5.12 -34.95
CA TYR C 154 10.99 3.84 -34.68
C TYR C 154 10.10 3.97 -33.46
N PHE C 155 9.18 3.01 -33.33
CA PHE C 155 8.06 3.14 -32.39
C PHE C 155 7.39 1.79 -32.27
N PRO C 156 6.96 1.38 -31.06
CA PRO C 156 7.16 2.04 -29.76
C PRO C 156 8.27 1.41 -28.92
N GLU C 157 8.47 1.98 -27.73
CA GLU C 157 9.41 1.41 -26.78
C GLU C 157 8.87 0.08 -26.26
N PRO C 158 9.75 -0.83 -25.77
CA PRO C 158 11.20 -0.68 -25.62
C PRO C 158 12.00 -1.10 -26.84
N VAL C 159 13.33 -1.11 -26.68
CA VAL C 159 14.25 -1.51 -27.73
C VAL C 159 15.58 -1.89 -27.08
N THR C 160 16.37 -2.72 -27.76
CA THR C 160 17.63 -3.16 -27.21
C THR C 160 18.72 -3.00 -28.24
N VAL C 161 19.81 -2.33 -27.86
CA VAL C 161 20.99 -2.15 -28.70
C VAL C 161 22.15 -2.85 -28.02
N THR C 162 22.67 -3.90 -28.64
CA THR C 162 23.76 -4.65 -28.04
C THR C 162 24.87 -4.90 -29.05
N TRP C 163 26.09 -5.00 -28.55
CA TRP C 163 27.29 -5.08 -29.37
C TRP C 163 27.88 -6.48 -29.30
N ASN C 164 28.14 -7.07 -30.47
CA ASN C 164 28.76 -8.39 -30.57
C ASN C 164 27.95 -9.44 -29.82
N SER C 165 26.62 -9.35 -29.93
CA SER C 165 25.71 -10.28 -29.27
C SER C 165 25.95 -10.36 -27.76
N GLY C 166 26.22 -9.21 -27.16
CA GLY C 166 26.45 -9.14 -25.72
C GLY C 166 27.85 -9.54 -25.27
N SER C 167 28.80 -9.67 -26.20
CA SER C 167 30.16 -10.00 -25.81
C SER C 167 30.78 -8.89 -24.98
N LEU C 168 30.56 -7.64 -25.37
CA LEU C 168 31.07 -6.49 -24.64
C LEU C 168 30.12 -6.12 -23.52
N SER C 169 30.66 -5.97 -22.31
CA SER C 169 29.87 -5.61 -21.14
C SER C 169 30.37 -4.37 -20.42
N SER C 170 31.57 -3.89 -20.71
CA SER C 170 32.14 -2.72 -20.06
C SER C 170 32.30 -1.60 -21.08
N GLY C 171 32.00 -0.38 -20.64
CA GLY C 171 32.08 0.78 -21.52
C GLY C 171 30.92 0.93 -22.47
N VAL C 172 29.82 0.21 -22.26
CA VAL C 172 28.65 0.27 -23.12
C VAL C 172 27.67 1.24 -22.48
N HIS C 173 27.63 2.46 -23.01
CA HIS C 173 26.70 3.49 -22.56
C HIS C 173 25.51 3.51 -23.51
N THR C 174 24.37 3.00 -23.05
CA THR C 174 23.14 2.99 -23.83
C THR C 174 22.27 4.14 -23.32
N PHE C 175 22.23 5.23 -24.08
CA PHE C 175 21.52 6.42 -23.62
C PHE C 175 20.01 6.22 -23.74
N PRO C 176 19.24 6.66 -22.74
CA PRO C 176 17.78 6.59 -22.86
C PRO C 176 17.29 7.38 -24.06
N ALA C 177 16.23 6.87 -24.68
CA ALA C 177 15.67 7.50 -25.87
C ALA C 177 14.86 8.74 -25.51
N VAL C 178 14.58 9.55 -26.52
CA VAL C 178 13.85 10.80 -26.35
C VAL C 178 12.78 10.89 -27.43
N LEU C 179 11.58 11.33 -27.03
CA LEU C 179 10.42 11.39 -27.93
C LEU C 179 10.42 12.72 -28.69
N GLN C 180 10.31 12.65 -30.02
CA GLN C 180 10.11 13.81 -30.87
C GLN C 180 9.27 13.37 -32.07
N SER C 181 8.22 14.13 -32.37
CA SER C 181 7.35 13.85 -33.52
C SER C 181 6.84 12.41 -33.51
N ASP C 182 6.43 11.95 -32.32
CA ASP C 182 5.86 10.61 -32.13
C ASP C 182 6.86 9.51 -32.50
N LEU C 183 8.15 9.81 -32.43
CA LEU C 183 9.19 8.80 -32.64
C LEU C 183 10.31 9.05 -31.66
N TYR C 184 10.81 7.98 -31.05
CA TYR C 184 11.83 8.11 -30.02
C TYR C 184 13.19 7.70 -30.57
N THR C 185 14.18 8.57 -30.35
CA THR C 185 15.53 8.40 -30.85
C THR C 185 16.44 7.98 -29.70
N LEU C 186 17.28 6.98 -29.94
CA LEU C 186 18.24 6.48 -28.97
C LEU C 186 19.60 6.35 -29.62
N SER C 187 20.66 6.56 -28.84
CA SER C 187 22.03 6.41 -29.29
C SER C 187 22.82 5.63 -28.26
N SER C 188 23.86 4.95 -28.73
CA SER C 188 24.69 4.12 -27.88
C SER C 188 26.17 4.36 -28.18
N SER C 189 27.02 4.07 -27.20
CA SER C 189 28.46 4.22 -27.32
C SER C 189 29.14 3.01 -26.72
N VAL C 190 30.19 2.53 -27.38
CA VAL C 190 31.04 1.47 -26.86
C VAL C 190 32.49 1.88 -27.00
N THR C 191 33.26 1.71 -25.95
CA THR C 191 34.69 1.99 -25.95
C THR C 191 35.45 0.68 -26.11
N VAL C 192 36.29 0.61 -27.15
CA VAL C 192 36.98 -0.64 -27.48
C VAL C 192 38.45 -0.34 -27.70
N PRO C 193 39.31 -1.34 -27.52
CA PRO C 193 40.74 -1.14 -27.83
C PRO C 193 40.94 -0.77 -29.29
N SER C 194 41.98 0.04 -29.54
CA SER C 194 42.24 0.52 -30.89
C SER C 194 42.55 -0.62 -31.84
N SER C 195 43.31 -1.62 -31.38
CA SER C 195 43.70 -2.72 -32.26
C SER C 195 42.51 -3.60 -32.62
N THR C 196 41.55 -3.75 -31.70
CA THR C 196 40.45 -4.69 -31.93
C THR C 196 39.51 -4.21 -33.03
N TRP C 197 39.31 -2.91 -33.14
CA TRP C 197 38.30 -2.38 -34.06
C TRP C 197 38.57 -2.75 -35.52
N PRO C 198 39.78 -2.58 -36.07
CA PRO C 198 40.02 -3.03 -37.45
C PRO C 198 40.36 -4.51 -37.57
N SER C 199 40.65 -5.19 -36.46
CA SER C 199 40.97 -6.61 -36.48
C SER C 199 39.76 -7.50 -36.23
N GLU C 200 38.93 -7.17 -35.25
CA GLU C 200 37.72 -7.91 -34.95
C GLU C 200 36.51 -7.03 -35.23
N THR C 201 35.58 -7.54 -36.02
CA THR C 201 34.41 -6.76 -36.40
C THR C 201 33.52 -6.49 -35.18
N VAL C 202 33.17 -5.23 -34.99
CA VAL C 202 32.29 -4.81 -33.91
C VAL C 202 30.96 -4.38 -34.54
N THR C 203 29.94 -5.21 -34.39
CA THR C 203 28.64 -4.98 -34.99
C THR C 203 27.61 -4.76 -33.90
N CYS C 204 26.90 -3.63 -33.98
CA CYS C 204 25.79 -3.36 -33.07
C CYS C 204 24.50 -3.82 -33.71
N ASN C 205 23.68 -4.52 -32.93
CA ASN C 205 22.41 -5.04 -33.38
C ASN C 205 21.28 -4.48 -32.54
N VAL C 206 20.19 -4.12 -33.20
CA VAL C 206 19.03 -3.47 -32.61
C VAL C 206 17.85 -4.41 -32.80
N ALA C 207 17.11 -4.66 -31.71
CA ALA C 207 15.95 -5.56 -31.72
C ALA C 207 14.72 -4.77 -31.30
N HIS C 208 13.71 -4.77 -32.16
CA HIS C 208 12.45 -4.12 -31.85
C HIS C 208 11.36 -5.17 -31.73
N PRO C 209 10.99 -5.58 -30.51
CA PRO C 209 9.94 -6.59 -30.36
C PRO C 209 8.62 -6.23 -31.04
N ALA C 210 8.20 -4.97 -30.96
CA ALA C 210 6.89 -4.59 -31.48
C ALA C 210 6.84 -4.77 -32.99
N SER C 211 7.83 -4.27 -33.70
CA SER C 211 7.94 -4.53 -35.13
C SER C 211 8.72 -5.80 -35.42
N SER C 212 9.26 -6.41 -34.36
CA SER C 212 10.04 -7.64 -34.46
C SER C 212 11.16 -7.48 -35.48
N THR C 213 11.83 -6.34 -35.47
CA THR C 213 12.85 -6.01 -36.46
C THR C 213 14.23 -6.14 -35.82
N LYS C 214 15.09 -6.97 -36.41
CA LYS C 214 16.44 -7.20 -35.92
C LYS C 214 17.41 -6.72 -36.99
N VAL C 215 18.13 -5.63 -36.71
CA VAL C 215 19.03 -5.00 -37.67
C VAL C 215 20.44 -5.03 -37.10
N ASP C 216 21.37 -5.59 -37.86
CA ASP C 216 22.78 -5.67 -37.46
C ASP C 216 23.60 -4.78 -38.38
N LYS C 217 24.39 -3.88 -37.81
CA LYS C 217 25.24 -2.99 -38.58
C LYS C 217 26.61 -2.88 -37.91
N LYS C 218 27.66 -3.03 -38.70
CA LYS C 218 29.02 -2.88 -38.20
C LYS C 218 29.48 -1.43 -38.33
N ILE C 219 30.57 -1.11 -37.63
CA ILE C 219 31.14 0.23 -37.63
C ILE C 219 32.48 0.17 -38.36
N VAL C 220 32.60 0.96 -39.42
CA VAL C 220 33.82 1.01 -40.22
C VAL C 220 34.20 2.47 -40.43
N PRO C 221 35.48 2.80 -40.60
CA PRO C 221 35.87 4.20 -40.80
C PRO C 221 35.30 4.75 -42.10
N ARG C 222 35.04 6.05 -42.10
CA ARG C 222 34.53 6.72 -43.28
C ARG C 222 35.63 6.82 -44.33
N ASP C 223 35.44 6.14 -45.46
CA ASP C 223 36.41 6.11 -46.55
C ASP C 223 35.86 6.87 -47.74
N CYS C 224 36.63 7.84 -48.23
CA CYS C 224 36.20 8.64 -49.37
C CYS C 224 37.26 8.65 -50.46
#